data_4AMZ
#
_entry.id   4AMZ
#
_cell.length_a   71.100
_cell.length_b   99.500
_cell.length_c   110.800
_cell.angle_alpha   90.00
_cell.angle_beta   90.00
_cell.angle_gamma   90.00
#
_symmetry.space_group_name_H-M   'P 21 21 21'
#
loop_
_entity.id
_entity.type
_entity.pdbx_description
1 polymer 'PROLYL ENDOPEPTIDASE'
2 non-polymer (5R)-N-benzyl-5-({(2S)-2-[(1R)-1,2-dihydroxyethyl]pyrrolidin-1-yl}carbonyl)cyclopent-1-ene-1-carboxamide
3 non-polymer GLYCEROL
4 water water
#
_entity_poly.entity_id   1
_entity_poly.type   'polypeptide(L)'
_entity_poly.pdbx_seq_one_letter_code
;MLSFQYPDVYRDETAIQDYHGHKVCDPYAWLEDPDSEQTKAFVEAQNKITVPFLEQCPIRGLYKERMTELYDYPKYSCHF
KKGKRYFYFYNTGLQNQRVLYVQDSLEGEARVFLDPNILSDDGTVALRGYAFSEDGEYFAYGLSASGSDWVTIKFMKVDG
AKELPDVLERVKFSCMAWTHDGKGMFYNAYPQQDGKSDGTETSTNLHQKLYYHVLGTDQSEDILCAEFPDEPKWMGGAEL
SDDGRYVLLSIREGCDPVNRLWYCDLQQESNGITGILKWVKLIDNFEGEYDYVTNEGTVFTFKTNRHSPNYRLINIDFTD
PEESKWKVLVPEHEKDVLEWVACVRSNFLVLCYLHDVKNTLQLHDLATGALLKIFPLEVGSVVGYSGQKKDTEIFYQFTS
FLSPGIIYHCDLTKEELEPRVFREVTVKGIDASDYQTVQIFYPSKDGTKIPMFIVHKKGIKLDGSHPAFLYGYGGFNISI
TPNYSVSRLIFVRHMGGVLAVANIRGGGEYGETWHKGGILANKQNCFDDFQCAAEYLIKEGYTSPKRLTINGGSNGGLLV
ATCANQRPDLFGCVIAQVGVMDMLKFHKYTIGHAWTTDYGCSDSKQHFEWLIKYSPLHNVKLPEADDIQYPSMLLLTADH
DDRVVPLHSLKFIATLQYIVGRSRKQNNPLLIHVDTKAGHGAGKPTAKVIEEVSDMFAFIARCLNIDWIP
;
_entity_poly.pdbx_strand_id   A
#
loop_
_chem_comp.id
_chem_comp.type
_chem_comp.name
_chem_comp.formula
2P4 non-polymer (5R)-N-benzyl-5-({(2S)-2-[(1R)-1,2-dihydroxyethyl]pyrrolidin-1-yl}carbonyl)cyclopent-1-ene-1-carboxamide 'C20 H26 N2 O4'
GOL non-polymer GLYCEROL 'C3 H8 O3'
#
# COMPACT_ATOMS: atom_id res chain seq x y z
N MET A 1 7.71 34.51 10.59
CA MET A 1 7.12 33.20 11.02
C MET A 1 8.15 32.19 11.59
N LEU A 2 9.37 32.17 11.04
CA LEU A 2 10.40 31.23 11.53
C LEU A 2 11.10 31.69 12.82
N SER A 3 10.59 31.22 13.95
CA SER A 3 11.05 31.62 15.30
C SER A 3 12.10 30.67 15.84
N PHE A 4 12.44 29.67 15.04
CA PHE A 4 13.40 28.63 15.40
C PHE A 4 14.57 28.69 14.41
N GLN A 5 15.70 28.07 14.75
CA GLN A 5 16.79 27.90 13.80
C GLN A 5 16.97 26.42 13.49
N TYR A 6 17.43 26.12 12.27
CA TYR A 6 17.76 24.75 11.88
C TYR A 6 19.01 24.27 12.63
N PRO A 7 19.01 23.00 13.05
CA PRO A 7 20.18 22.44 13.72
C PRO A 7 21.43 22.44 12.84
N ASP A 8 22.57 22.56 13.51
CA ASP A 8 23.87 22.20 12.98
C ASP A 8 23.90 20.74 12.56
N VAL A 9 24.33 20.50 11.32
CA VAL A 9 24.42 19.16 10.79
C VAL A 9 25.73 19.06 10.05
N TYR A 10 26.61 18.18 10.51
CA TYR A 10 27.90 18.00 9.87
C TYR A 10 27.80 17.52 8.41
N ARG A 11 28.62 18.14 7.55
CA ARG A 11 28.74 17.78 6.16
C ARG A 11 30.07 17.05 5.96
N ASP A 12 30.00 15.79 5.55
CA ASP A 12 31.20 15.06 5.24
C ASP A 12 31.50 15.35 3.77
N GLU A 13 32.32 16.36 3.53
CA GLU A 13 32.69 16.80 2.17
C GLU A 13 33.68 15.85 1.48
N THR A 14 34.15 14.84 2.21
CA THR A 14 35.03 13.84 1.57
C THR A 14 34.19 12.72 0.94
N ALA A 15 32.89 12.67 1.24
CA ALA A 15 32.00 11.61 0.72
C ALA A 15 31.67 11.82 -0.76
N ILE A 16 32.53 11.30 -1.62
CA ILE A 16 32.41 11.51 -3.05
C ILE A 16 32.45 10.12 -3.70
N GLN A 17 31.45 9.83 -4.54
CA GLN A 17 31.35 8.57 -5.25
C GLN A 17 31.26 8.81 -6.76
N ASP A 18 31.95 7.96 -7.52
CA ASP A 18 31.90 8.05 -8.97
C ASP A 18 30.79 7.15 -9.47
N TYR A 19 29.83 7.73 -10.18
CA TYR A 19 28.80 6.94 -10.86
C TYR A 19 29.06 7.09 -12.35
N HIS A 20 29.67 6.09 -12.98
CA HIS A 20 29.87 6.09 -14.43
C HIS A 20 30.50 7.41 -14.95
N GLY A 21 31.40 8.01 -14.18
CA GLY A 21 32.09 9.24 -14.59
C GLY A 21 31.51 10.52 -13.98
N HIS A 22 30.32 10.41 -13.36
CA HIS A 22 29.65 11.52 -12.71
C HIS A 22 30.02 11.44 -11.23
N LYS A 23 30.69 12.46 -10.71
CA LYS A 23 31.01 12.53 -9.30
C LYS A 23 29.79 12.98 -8.53
N VAL A 24 29.37 12.18 -7.55
CA VAL A 24 28.26 12.55 -6.69
C VAL A 24 28.80 12.75 -5.25
N CYS A 25 28.56 13.92 -4.68
CA CYS A 25 28.92 14.18 -3.28
C CYS A 25 27.73 13.79 -2.38
N ASP A 26 28.01 13.11 -1.26
CA ASP A 26 26.94 12.66 -0.34
C ASP A 26 27.26 13.03 1.11
N PRO A 27 27.29 14.36 1.41
CA PRO A 27 27.82 14.84 2.70
C PRO A 27 27.01 14.35 3.90
N TYR A 28 25.79 13.88 3.68
CA TYR A 28 25.01 13.33 4.81
C TYR A 28 24.92 11.79 4.83
N ALA A 29 25.84 11.11 4.10
CA ALA A 29 25.92 9.63 4.11
C ALA A 29 25.91 9.03 5.52
N TRP A 30 26.53 9.70 6.48
CA TRP A 30 26.53 9.23 7.87
C TRP A 30 25.14 9.08 8.50
N LEU A 31 24.11 9.76 7.95
CA LEU A 31 22.74 9.57 8.49
C LEU A 31 22.13 8.22 8.10
N GLU A 32 22.84 7.47 7.27
CA GLU A 32 22.42 6.12 6.88
C GLU A 32 22.55 5.12 8.01
N ASP A 33 23.34 5.47 9.02
CA ASP A 33 23.49 4.62 10.21
C ASP A 33 22.48 5.05 11.28
N PRO A 34 21.39 4.26 11.47
CA PRO A 34 20.36 4.64 12.43
C PRO A 34 20.81 4.52 13.88
N ASP A 35 21.87 3.76 14.12
CA ASP A 35 22.27 3.48 15.48
C ASP A 35 23.28 4.48 16.06
N SER A 36 23.88 5.32 15.22
CA SER A 36 24.96 6.19 15.75
C SER A 36 24.42 7.29 16.67
N GLU A 37 25.27 7.76 17.58
CA GLU A 37 24.92 8.89 18.43
C GLU A 37 24.64 10.14 17.57
N GLN A 38 25.39 10.25 16.48
CA GLN A 38 25.27 11.37 15.56
C GLN A 38 23.88 11.40 14.91
N THR A 39 23.43 10.25 14.41
CA THR A 39 22.12 10.18 13.82
C THR A 39 21.00 10.39 14.86
N LYS A 40 21.15 9.80 16.04
CA LYS A 40 20.11 9.96 17.06
C LYS A 40 20.04 11.43 17.51
N ALA A 41 21.19 12.08 17.61
CA ALA A 41 21.21 13.52 17.99
C ALA A 41 20.53 14.32 16.90
N PHE A 42 20.73 13.93 15.64
CA PHE A 42 20.11 14.65 14.52
C PHE A 42 18.58 14.56 14.59
N VAL A 43 18.06 13.35 14.81
CA VAL A 43 16.60 13.14 14.89
C VAL A 43 16.04 13.98 16.06
N GLU A 44 16.71 13.91 17.22
CA GLU A 44 16.24 14.63 18.40
C GLU A 44 16.19 16.15 18.15
N ALA A 45 17.23 16.70 17.52
CA ALA A 45 17.31 18.12 17.22
C ALA A 45 16.24 18.56 16.21
N GLN A 46 15.94 17.69 15.24
CA GLN A 46 14.91 18.01 14.27
C GLN A 46 13.53 18.02 14.91
N ASN A 47 13.21 16.98 15.67
CA ASN A 47 11.90 16.89 16.32
C ASN A 47 11.71 18.07 17.28
N LYS A 48 12.81 18.50 17.88
CA LYS A 48 12.81 19.60 18.85
C LYS A 48 12.27 20.90 18.26
N ILE A 49 12.46 21.14 16.96
CA ILE A 49 11.89 22.34 16.32
C ILE A 49 10.56 22.10 15.61
N THR A 50 10.38 20.89 15.07
CA THR A 50 9.15 20.57 14.37
C THR A 50 7.93 20.55 15.27
N VAL A 51 8.04 19.85 16.39
CA VAL A 51 6.87 19.65 17.26
C VAL A 51 6.29 20.98 17.83
N PRO A 52 7.15 21.87 18.38
CA PRO A 52 6.56 23.12 18.81
C PRO A 52 5.96 23.94 17.66
N PHE A 53 6.51 23.82 16.45
CA PHE A 53 5.97 24.56 15.30
C PHE A 53 4.54 24.10 15.02
N LEU A 54 4.37 22.78 14.98
CA LEU A 54 3.07 22.15 14.71
C LEU A 54 2.04 22.40 15.80
N GLU A 55 2.49 22.55 17.04
CA GLU A 55 1.56 22.61 18.17
C GLU A 55 1.35 24.05 18.65
N GLN A 56 1.99 25.02 18.02
CA GLN A 56 1.80 26.40 18.47
C GLN A 56 0.37 26.95 18.23
N CYS A 57 -0.24 26.62 17.11
CA CYS A 57 -1.55 27.18 16.72
C CYS A 57 -2.69 26.34 17.26
N PRO A 58 -3.69 26.98 17.89
CA PRO A 58 -4.89 26.31 18.41
C PRO A 58 -5.56 25.38 17.40
N ILE A 59 -5.25 25.55 16.12
CA ILE A 59 -5.91 24.76 15.09
C ILE A 59 -5.58 23.26 15.19
N ARG A 60 -4.37 22.91 15.61
CA ARG A 60 -4.05 21.50 15.80
C ARG A 60 -5.01 20.82 16.77
N GLY A 61 -5.28 21.48 17.89
CA GLY A 61 -6.20 20.97 18.90
C GLY A 61 -7.64 20.83 18.42
N LEU A 62 -8.14 21.83 17.66
CA LEU A 62 -9.50 21.82 17.09
C LEU A 62 -9.64 20.67 16.07
N TYR A 63 -8.66 20.57 15.18
CA TYR A 63 -8.59 19.48 14.21
C TYR A 63 -8.61 18.11 14.92
N LYS A 64 -7.72 17.93 15.88
CA LYS A 64 -7.60 16.66 16.62
C LYS A 64 -8.91 16.26 17.34
N GLU A 65 -9.55 17.21 18.01
CA GLU A 65 -10.83 16.99 18.66
C GLU A 65 -11.91 16.59 17.61
N ARG A 66 -11.97 17.33 16.52
CA ARG A 66 -12.91 17.00 15.45
C ARG A 66 -12.60 15.63 14.79
N MET A 67 -11.31 15.35 14.56
CA MET A 67 -10.94 14.02 14.07
C MET A 67 -11.35 12.94 15.07
N THR A 68 -11.12 13.17 16.36
CA THR A 68 -11.47 12.17 17.38
C THR A 68 -12.97 11.89 17.38
N GLU A 69 -13.79 12.96 17.34
CA GLU A 69 -15.23 12.85 17.27
C GLU A 69 -15.71 12.16 15.99
N LEU A 70 -15.27 12.61 14.82
CA LEU A 70 -15.80 12.10 13.55
C LEU A 70 -15.26 10.74 13.15
N TYR A 71 -14.04 10.43 13.61
CA TYR A 71 -13.45 9.12 13.30
C TYR A 71 -14.03 8.05 14.21
N ASP A 72 -14.74 8.49 15.24
CA ASP A 72 -15.33 7.57 16.17
C ASP A 72 -16.63 7.03 15.60
N TYR A 73 -16.52 6.08 14.67
CA TYR A 73 -17.72 5.39 14.15
C TYR A 73 -17.43 3.89 14.03
N PRO A 74 -18.46 3.05 14.04
CA PRO A 74 -18.12 1.62 14.03
C PRO A 74 -17.58 1.18 12.67
N LYS A 75 -16.53 0.37 12.68
CA LYS A 75 -15.86 -0.05 11.45
C LYS A 75 -15.77 -1.57 11.38
N TYR A 76 -16.40 -2.15 10.35
CA TYR A 76 -16.46 -3.59 10.11
C TYR A 76 -15.77 -4.00 8.82
N SER A 77 -15.15 -5.18 8.82
CA SER A 77 -14.83 -5.91 7.59
C SER A 77 -16.04 -6.76 7.16
N CYS A 78 -15.95 -7.33 5.96
CA CYS A 78 -16.87 -8.38 5.56
C CYS A 78 -16.82 -9.54 6.54
N HIS A 79 -17.98 -10.13 6.83
CA HIS A 79 -18.03 -11.50 7.34
C HIS A 79 -17.30 -12.46 6.41
N PHE A 80 -16.64 -13.45 6.96
CA PHE A 80 -16.16 -14.58 6.14
C PHE A 80 -16.31 -15.87 6.91
N LYS A 81 -16.64 -16.95 6.21
CA LYS A 81 -16.83 -18.24 6.86
C LYS A 81 -15.58 -19.09 6.78
N LYS A 82 -15.21 -19.76 7.88
CA LYS A 82 -14.14 -20.74 7.83
C LYS A 82 -14.63 -21.97 8.59
N GLY A 83 -14.76 -23.09 7.88
CA GLY A 83 -15.35 -24.30 8.46
C GLY A 83 -16.79 -23.98 8.86
N LYS A 84 -17.12 -24.25 10.12
CA LYS A 84 -18.49 -24.10 10.63
C LYS A 84 -18.81 -22.68 11.15
N ARG A 85 -17.82 -21.78 11.23
CA ARG A 85 -18.00 -20.51 11.93
C ARG A 85 -17.82 -19.28 11.03
N TYR A 86 -18.44 -18.17 11.43
CA TYR A 86 -18.24 -16.89 10.78
C TYR A 86 -17.27 -16.05 11.60
N PHE A 87 -16.49 -15.23 10.90
CA PHE A 87 -15.55 -14.30 11.51
C PHE A 87 -15.72 -12.95 10.82
N TYR A 88 -15.38 -11.87 11.54
CA TYR A 88 -15.30 -10.52 10.96
C TYR A 88 -14.41 -9.66 11.86
N PHE A 89 -13.79 -8.64 11.27
CA PHE A 89 -13.07 -7.66 12.07
C PHE A 89 -13.99 -6.50 12.41
N TYR A 90 -13.77 -5.91 13.58
CA TYR A 90 -14.63 -4.84 14.06
C TYR A 90 -13.86 -3.96 15.04
N ASN A 91 -14.01 -2.64 14.88
CA ASN A 91 -13.48 -1.64 15.80
C ASN A 91 -14.71 -0.85 16.23
N THR A 92 -14.91 -0.71 17.54
CA THR A 92 -16.05 0.05 18.07
C THR A 92 -16.05 1.50 17.64
N GLY A 93 -14.85 2.02 17.36
CA GLY A 93 -14.68 3.37 16.89
C GLY A 93 -13.24 3.85 16.99
N LEU A 94 -12.76 3.91 18.22
CA LEU A 94 -11.46 4.45 18.48
C LEU A 94 -10.46 3.43 19.06
N GLN A 95 -10.75 2.14 18.98
CA GLN A 95 -9.77 1.15 19.45
C GLN A 95 -8.50 1.24 18.58
N ASN A 96 -7.33 1.07 19.19
CA ASN A 96 -6.05 1.18 18.45
C ASN A 96 -5.95 0.21 17.27
N GLN A 97 -6.43 -1.01 17.50
CA GLN A 97 -6.44 -2.07 16.49
C GLN A 97 -7.83 -2.67 16.39
N ARG A 98 -8.26 -3.05 15.18
CA ARG A 98 -9.53 -3.73 15.06
C ARG A 98 -9.39 -5.14 15.61
N VAL A 99 -10.51 -5.68 16.06
CA VAL A 99 -10.54 -6.90 16.78
C VAL A 99 -11.24 -7.97 15.94
N LEU A 100 -10.75 -9.22 16.03
CA LEU A 100 -11.34 -10.32 15.24
C LEU A 100 -12.38 -11.05 16.09
N TYR A 101 -13.61 -11.14 15.56
CA TYR A 101 -14.70 -11.79 16.25
C TYR A 101 -15.07 -13.08 15.54
N VAL A 102 -15.65 -13.99 16.31
CA VAL A 102 -16.19 -15.25 15.81
C VAL A 102 -17.67 -15.40 16.21
N GLN A 103 -18.47 -15.99 15.34
CA GLN A 103 -19.82 -16.43 15.71
C GLN A 103 -20.12 -17.78 15.06
N ASP A 104 -20.95 -18.59 15.71
CA ASP A 104 -21.26 -19.93 15.21
C ASP A 104 -22.33 -19.93 14.11
N SER A 105 -23.03 -18.81 13.95
CA SER A 105 -23.98 -18.68 12.86
C SER A 105 -24.13 -17.20 12.60
N LEU A 106 -24.75 -16.86 11.47
CA LEU A 106 -24.95 -15.47 11.07
C LEU A 106 -25.83 -14.70 12.05
N GLU A 107 -26.75 -15.43 12.71
CA GLU A 107 -27.69 -14.87 13.70
C GLU A 107 -27.21 -15.09 15.15
N GLY A 108 -26.11 -15.83 15.32
CA GLY A 108 -25.59 -16.16 16.64
C GLY A 108 -24.83 -15.02 17.30
N GLU A 109 -24.75 -15.05 18.61
CA GLU A 109 -24.00 -14.12 19.41
C GLU A 109 -22.50 -14.19 19.03
N ALA A 110 -21.90 -13.05 18.76
CA ALA A 110 -20.46 -12.98 18.45
C ALA A 110 -19.62 -12.87 19.72
N ARG A 111 -18.42 -13.44 19.70
CA ARG A 111 -17.45 -13.24 20.79
C ARG A 111 -16.05 -12.87 20.27
N VAL A 112 -15.26 -12.21 21.12
CA VAL A 112 -13.90 -11.82 20.77
C VAL A 112 -13.13 -13.09 20.46
N PHE A 113 -12.48 -13.14 19.30
CA PHE A 113 -11.61 -14.27 18.95
C PHE A 113 -10.14 -13.89 19.10
N LEU A 114 -9.74 -12.75 18.55
CA LEU A 114 -8.35 -12.26 18.70
C LEU A 114 -8.36 -10.75 18.82
N ASP A 115 -7.89 -10.25 19.97
CA ASP A 115 -7.86 -8.82 20.30
C ASP A 115 -6.40 -8.34 20.43
N PRO A 116 -5.88 -7.74 19.34
CA PRO A 116 -4.50 -7.28 19.37
C PRO A 116 -4.26 -6.15 20.36
N ASN A 117 -5.33 -5.47 20.80
CA ASN A 117 -5.16 -4.33 21.70
C ASN A 117 -4.53 -4.67 23.02
N ILE A 118 -4.78 -5.87 23.52
CA ILE A 118 -4.20 -6.31 24.79
C ILE A 118 -2.69 -6.68 24.69
N LEU A 119 -2.13 -6.67 23.49
CA LEU A 119 -0.72 -7.07 23.30
C LEU A 119 0.26 -5.92 23.47
N SER A 120 -0.24 -4.68 23.59
CA SER A 120 0.61 -3.50 23.91
C SER A 120 -0.20 -2.37 24.53
N ASP A 121 0.44 -1.53 25.34
CA ASP A 121 -0.25 -0.39 25.92
C ASP A 121 -0.68 0.62 24.85
N ASP A 122 0.08 0.68 23.76
CA ASP A 122 -0.05 1.77 22.81
C ASP A 122 -0.52 1.31 21.43
N GLY A 123 -0.93 0.03 21.30
CA GLY A 123 -1.45 -0.53 20.04
C GLY A 123 -0.44 -0.65 18.91
N THR A 124 0.84 -0.76 19.26
CA THR A 124 1.91 -0.85 18.24
C THR A 124 2.29 -2.28 17.94
N VAL A 125 1.50 -3.24 18.44
CA VAL A 125 1.65 -4.62 17.99
C VAL A 125 0.36 -4.90 17.21
N ALA A 126 0.55 -5.33 15.96
CA ALA A 126 -0.54 -5.38 15.00
C ALA A 126 -0.53 -6.70 14.22
N LEU A 127 -1.74 -7.17 13.88
CA LEU A 127 -1.86 -8.30 12.97
C LEU A 127 -1.22 -7.98 11.62
N ARG A 128 -0.38 -8.89 11.11
CA ARG A 128 0.10 -8.81 9.73
C ARG A 128 0.05 -10.16 9.06
N GLY A 129 -1.06 -10.42 8.35
CA GLY A 129 -1.24 -11.71 7.67
C GLY A 129 -1.92 -12.71 8.60
N TYR A 130 -2.72 -13.61 8.05
CA TYR A 130 -3.22 -14.76 8.83
C TYR A 130 -3.71 -15.85 7.88
N ALA A 131 -3.88 -17.08 8.37
CA ALA A 131 -4.47 -18.11 7.51
C ALA A 131 -5.09 -19.15 8.40
N PHE A 132 -6.33 -19.54 8.07
CA PHE A 132 -7.00 -20.65 8.71
C PHE A 132 -6.65 -21.92 7.96
N SER A 133 -6.65 -23.03 8.70
CA SER A 133 -6.53 -24.34 8.09
C SER A 133 -7.79 -24.55 7.21
N GLU A 134 -7.72 -25.49 6.27
CA GLU A 134 -8.82 -25.76 5.35
C GLU A 134 -10.12 -26.06 6.08
N ASP A 135 -10.06 -26.79 7.21
CA ASP A 135 -11.27 -27.13 7.97
C ASP A 135 -11.76 -26.02 8.94
N GLY A 136 -11.05 -24.91 8.99
CA GLY A 136 -11.45 -23.78 9.83
C GLY A 136 -11.16 -23.99 11.30
N GLU A 137 -10.50 -25.10 11.68
CA GLU A 137 -10.29 -25.43 13.11
C GLU A 137 -9.00 -24.93 13.73
N TYR A 138 -8.07 -24.53 12.88
CA TYR A 138 -6.81 -23.97 13.39
C TYR A 138 -6.53 -22.68 12.66
N PHE A 139 -5.76 -21.80 13.31
CA PHE A 139 -5.57 -20.42 12.85
C PHE A 139 -4.14 -20.00 13.06
N ALA A 140 -3.52 -19.49 11.99
CA ALA A 140 -2.15 -18.93 12.09
C ALA A 140 -2.24 -17.45 11.85
N TYR A 141 -1.47 -16.65 12.58
CA TYR A 141 -1.48 -15.19 12.40
C TYR A 141 -0.10 -14.58 12.65
N GLY A 142 0.21 -13.55 11.86
CA GLY A 142 1.47 -12.82 12.00
C GLY A 142 1.31 -11.63 12.91
N LEU A 143 2.29 -11.37 13.76
CA LEU A 143 2.29 -10.15 14.56
C LEU A 143 3.50 -9.32 14.16
N SER A 144 3.30 -8.02 13.94
CA SER A 144 4.42 -7.09 13.72
C SER A 144 4.50 -6.09 14.85
N ALA A 145 5.73 -5.78 15.31
CA ALA A 145 5.94 -4.78 16.36
C ALA A 145 6.39 -3.46 15.79
N SER A 146 5.75 -2.38 16.25
CA SER A 146 6.17 -1.01 15.92
C SER A 146 6.15 -0.69 14.43
N GLY A 147 5.30 -1.36 13.68
CA GLY A 147 5.15 -1.06 12.27
C GLY A 147 6.16 -1.71 11.34
N SER A 148 7.07 -2.54 11.89
CA SER A 148 8.07 -3.25 11.06
C SER A 148 7.42 -4.31 10.13
N ASP A 149 8.04 -4.56 8.97
CA ASP A 149 7.65 -5.68 8.09
C ASP A 149 7.94 -7.05 8.71
N TRP A 150 8.89 -7.11 9.65
CA TRP A 150 9.21 -8.37 10.33
C TRP A 150 7.95 -8.91 11.04
N VAL A 151 7.75 -10.22 10.94
CA VAL A 151 6.58 -10.91 11.47
C VAL A 151 7.02 -12.09 12.36
N THR A 152 6.26 -12.29 13.43
CA THR A 152 6.28 -13.52 14.21
C THR A 152 4.93 -14.22 13.98
N ILE A 153 4.97 -15.47 13.53
CA ILE A 153 3.72 -16.19 13.35
C ILE A 153 3.41 -16.98 14.61
N LYS A 154 2.22 -16.78 15.16
CA LYS A 154 1.68 -17.64 16.23
C LYS A 154 0.42 -18.39 15.81
N PHE A 155 -0.04 -19.30 16.68
CA PHE A 155 -1.07 -20.27 16.27
C PHE A 155 -2.09 -20.43 17.40
N MET A 156 -3.32 -20.82 17.01
CA MET A 156 -4.44 -21.00 17.92
C MET A 156 -5.30 -22.14 17.39
N LYS A 157 -5.89 -22.90 18.30
CA LYS A 157 -6.99 -23.78 17.97
C LYS A 157 -8.28 -22.95 18.09
N VAL A 158 -9.14 -23.02 17.08
CA VAL A 158 -10.27 -22.11 17.02
C VAL A 158 -11.30 -22.35 18.12
N ASP A 159 -11.73 -23.60 18.28
CA ASP A 159 -12.62 -24.00 19.36
C ASP A 159 -11.97 -23.70 20.69
N GLY A 160 -12.54 -22.73 21.41
CA GLY A 160 -11.95 -22.29 22.70
C GLY A 160 -10.93 -21.16 22.56
N ALA A 161 -10.57 -20.79 21.33
CA ALA A 161 -9.52 -19.79 21.11
C ALA A 161 -8.26 -20.09 21.97
N LYS A 162 -7.73 -21.30 21.83
CA LYS A 162 -6.61 -21.78 22.66
C LYS A 162 -5.28 -21.42 22.04
N GLU A 163 -4.44 -20.67 22.75
CA GLU A 163 -3.05 -20.45 22.31
C GLU A 163 -2.30 -21.78 22.23
N LEU A 164 -1.55 -21.95 21.15
CA LEU A 164 -0.71 -23.12 20.96
C LEU A 164 0.75 -22.69 21.13
N PRO A 165 1.67 -23.66 21.33
CA PRO A 165 3.08 -23.35 21.55
C PRO A 165 3.82 -22.87 20.31
N ASP A 166 3.37 -23.23 19.11
CA ASP A 166 4.13 -22.98 17.85
C ASP A 166 4.42 -21.50 17.64
N VAL A 167 5.70 -21.14 17.44
CA VAL A 167 6.09 -19.76 17.13
C VAL A 167 7.11 -19.79 15.98
N LEU A 168 6.89 -18.96 14.97
CA LEU A 168 7.77 -18.93 13.80
C LEU A 168 8.41 -17.56 13.69
N GLU A 169 9.75 -17.55 13.73
CA GLU A 169 10.53 -16.31 13.70
C GLU A 169 11.15 -16.09 12.34
N ARG A 170 11.62 -14.86 12.10
CA ARG A 170 12.35 -14.47 10.88
C ARG A 170 11.49 -14.48 9.61
N VAL A 171 10.20 -14.26 9.83
CA VAL A 171 9.17 -14.21 8.78
C VAL A 171 9.05 -12.79 8.25
N LYS A 172 9.09 -12.66 6.92
CA LYS A 172 8.95 -11.38 6.27
C LYS A 172 8.52 -11.62 4.82
N PHE A 173 7.66 -10.75 4.30
CA PHE A 173 7.09 -10.91 2.96
C PHE A 173 6.61 -12.33 2.68
N SER A 174 5.87 -12.86 3.63
CA SER A 174 5.56 -14.28 3.69
C SER A 174 4.16 -14.71 3.23
N CYS A 175 4.10 -15.84 2.53
CA CYS A 175 2.84 -16.55 2.34
C CYS A 175 2.45 -17.24 3.65
N MET A 176 1.19 -17.65 3.75
CA MET A 176 0.76 -18.56 4.82
C MET A 176 -0.25 -19.49 4.16
N ALA A 177 0.11 -20.77 3.99
CA ALA A 177 -0.77 -21.71 3.32
C ALA A 177 -0.74 -23.09 3.94
N TRP A 178 -1.88 -23.51 4.50
CA TRP A 178 -1.99 -24.81 5.15
C TRP A 178 -2.25 -25.91 4.15
N THR A 179 -1.58 -27.05 4.31
CA THR A 179 -1.97 -28.23 3.52
C THR A 179 -3.34 -28.73 4.00
N HIS A 180 -4.11 -29.30 3.09
CA HIS A 180 -5.51 -29.69 3.42
C HIS A 180 -5.62 -30.89 4.34
N ASP A 181 -4.53 -31.65 4.49
CA ASP A 181 -4.44 -32.68 5.53
C ASP A 181 -4.38 -32.10 6.95
N GLY A 182 -4.32 -30.78 7.06
CA GLY A 182 -4.22 -30.07 8.36
C GLY A 182 -2.93 -30.37 9.12
N LYS A 183 -1.93 -30.95 8.47
CA LYS A 183 -0.66 -31.30 9.12
C LYS A 183 0.22 -30.10 9.45
N GLY A 184 0.20 -29.09 8.60
CA GLY A 184 1.12 -27.98 8.71
C GLY A 184 0.90 -26.88 7.69
N MET A 185 1.84 -25.95 7.62
CA MET A 185 1.66 -24.69 6.89
C MET A 185 2.98 -24.24 6.27
N PHE A 186 2.90 -23.90 4.98
CA PHE A 186 3.96 -23.15 4.29
C PHE A 186 4.05 -21.71 4.74
N TYR A 187 5.28 -21.20 4.78
CA TYR A 187 5.54 -19.80 5.13
C TYR A 187 6.94 -19.48 4.60
N ASN A 188 7.33 -18.21 4.58
CA ASN A 188 8.67 -17.86 4.13
C ASN A 188 9.49 -17.32 5.30
N ALA A 189 10.80 -17.54 5.25
CA ALA A 189 11.68 -16.91 6.22
C ALA A 189 13.03 -16.56 5.61
N TYR A 190 13.73 -15.65 6.27
CA TYR A 190 15.05 -15.19 5.87
C TYR A 190 16.15 -15.79 6.76
N PRO A 191 17.28 -16.20 6.15
CA PRO A 191 18.46 -16.66 6.89
C PRO A 191 18.85 -15.63 7.96
N GLN A 192 19.57 -16.09 8.97
CA GLN A 192 20.13 -15.20 10.01
C GLN A 192 21.00 -14.12 9.38
N GLN A 193 21.02 -12.96 10.03
CA GLN A 193 21.91 -11.86 9.62
C GLN A 193 22.52 -11.18 10.83
N ASP A 194 23.70 -10.61 10.66
CA ASP A 194 24.36 -9.82 11.71
C ASP A 194 23.52 -8.60 12.09
N GLY A 195 23.65 -8.17 13.34
CA GLY A 195 22.96 -6.96 13.81
C GLY A 195 21.49 -7.21 14.05
N LYS A 196 20.70 -6.13 14.04
CA LYS A 196 19.29 -6.20 14.44
C LYS A 196 18.36 -6.69 13.33
N SER A 197 17.28 -7.34 13.73
CA SER A 197 16.16 -7.61 12.81
C SER A 197 14.84 -7.13 13.46
N ASP A 198 14.71 -5.83 13.66
CA ASP A 198 13.53 -5.32 14.38
C ASP A 198 12.83 -4.19 13.65
N GLY A 199 13.34 -3.81 12.49
CA GLY A 199 12.70 -2.73 11.76
C GLY A 199 13.52 -1.46 11.83
N THR A 200 14.53 -1.43 12.70
CA THR A 200 15.45 -0.27 12.74
C THR A 200 16.69 -0.48 11.86
N GLU A 201 16.91 -1.70 11.38
CA GLU A 201 18.10 -1.93 10.58
C GLU A 201 17.81 -1.60 9.11
N THR A 202 18.87 -1.38 8.35
CA THR A 202 18.73 -1.09 6.93
C THR A 202 19.12 -2.30 6.06
N SER A 203 19.55 -3.41 6.69
CA SER A 203 20.21 -4.51 5.97
C SER A 203 19.34 -5.04 4.83
N THR A 204 19.95 -5.33 3.68
CA THR A 204 19.22 -5.88 2.54
C THR A 204 18.65 -7.29 2.83
N ASN A 205 17.46 -7.57 2.30
CA ASN A 205 16.77 -8.86 2.50
C ASN A 205 16.89 -9.72 1.25
N LEU A 206 17.67 -10.78 1.38
CA LEU A 206 18.00 -11.67 0.25
C LEU A 206 17.85 -13.12 0.69
N HIS A 207 17.80 -14.02 -0.29
CA HIS A 207 17.77 -15.47 -0.04
C HIS A 207 16.54 -15.92 0.80
N GLN A 208 15.39 -15.33 0.49
CA GLN A 208 14.15 -15.75 1.13
C GLN A 208 13.88 -17.23 0.82
N LYS A 209 13.51 -18.00 1.83
CA LYS A 209 13.31 -19.42 1.64
C LYS A 209 11.84 -19.78 1.85
N LEU A 210 11.40 -20.90 1.29
CA LEU A 210 10.04 -21.40 1.54
C LEU A 210 10.16 -22.58 2.47
N TYR A 211 9.47 -22.52 3.61
CA TYR A 211 9.51 -23.60 4.58
C TYR A 211 8.12 -24.18 4.82
N TYR A 212 8.08 -25.37 5.44
CA TYR A 212 6.84 -25.98 5.86
C TYR A 212 6.95 -26.29 7.35
N HIS A 213 6.02 -25.75 8.12
CA HIS A 213 6.00 -26.03 9.56
C HIS A 213 4.93 -27.05 9.90
N VAL A 214 5.34 -28.19 10.47
CA VAL A 214 4.40 -29.20 11.02
C VAL A 214 3.87 -28.70 12.38
N LEU A 215 2.55 -28.57 12.50
CA LEU A 215 1.93 -28.12 13.74
C LEU A 215 2.35 -29.05 14.87
N GLY A 216 2.76 -28.47 15.99
CA GLY A 216 3.14 -29.21 17.16
C GLY A 216 4.63 -29.55 17.27
N THR A 217 5.46 -28.90 16.45
CA THR A 217 6.91 -29.13 16.46
C THR A 217 7.62 -27.81 16.67
N ASP A 218 8.93 -27.88 16.96
CA ASP A 218 9.75 -26.65 17.01
C ASP A 218 10.03 -26.12 15.59
N GLN A 219 10.20 -24.83 15.46
CA GLN A 219 10.61 -24.27 14.16
C GLN A 219 11.90 -24.91 13.60
N SER A 220 12.85 -25.27 14.48
CA SER A 220 14.11 -25.86 14.01
C SER A 220 13.84 -27.12 13.19
N GLU A 221 12.68 -27.77 13.38
CA GLU A 221 12.33 -28.98 12.63
C GLU A 221 11.70 -28.71 11.26
N ASP A 222 11.43 -27.44 10.91
CA ASP A 222 10.73 -27.15 9.63
C ASP A 222 11.47 -27.62 8.38
N ILE A 223 10.70 -28.05 7.38
CA ILE A 223 11.25 -28.61 6.14
C ILE A 223 11.50 -27.49 5.13
N LEU A 224 12.70 -27.43 4.54
CA LEU A 224 12.98 -26.54 3.44
C LEU A 224 12.40 -27.13 2.16
N CYS A 225 11.43 -26.41 1.57
CA CYS A 225 10.71 -26.88 0.36
C CYS A 225 11.11 -26.22 -0.96
N ALA A 226 11.57 -24.97 -0.90
CA ALA A 226 12.14 -24.29 -2.08
C ALA A 226 13.17 -23.25 -1.63
N GLU A 227 14.23 -23.10 -2.43
CA GLU A 227 15.20 -22.02 -2.24
C GLU A 227 15.89 -21.74 -3.60
N PHE A 228 16.43 -20.53 -3.73
CA PHE A 228 17.02 -20.05 -4.99
C PHE A 228 18.37 -19.42 -4.74
N PRO A 229 19.37 -20.22 -4.30
CA PRO A 229 20.64 -19.60 -3.90
C PRO A 229 21.39 -18.90 -5.05
N ASP A 230 21.11 -19.25 -6.31
CA ASP A 230 21.74 -18.55 -7.45
C ASP A 230 21.03 -17.25 -7.82
N GLU A 231 19.87 -17.03 -7.20
CA GLU A 231 19.00 -15.91 -7.50
C GLU A 231 18.51 -15.28 -6.18
N PRO A 232 19.41 -14.58 -5.49
CA PRO A 232 19.13 -14.08 -4.12
C PRO A 232 17.88 -13.17 -4.00
N LYS A 233 17.39 -12.63 -5.11
CA LYS A 233 16.22 -11.73 -5.05
C LYS A 233 14.90 -12.45 -5.29
N TRP A 234 14.96 -13.71 -5.73
CA TRP A 234 13.70 -14.45 -5.97
C TRP A 234 12.96 -14.72 -4.67
N MET A 235 11.64 -14.63 -4.74
CA MET A 235 10.76 -14.83 -3.58
C MET A 235 9.66 -15.76 -4.02
N GLY A 236 9.62 -16.94 -3.41
CA GLY A 236 8.68 -18.00 -3.80
C GLY A 236 7.54 -18.13 -2.77
N GLY A 237 6.34 -17.74 -3.18
CA GLY A 237 5.19 -17.83 -2.26
C GLY A 237 4.30 -18.99 -2.63
N ALA A 238 3.87 -19.75 -1.62
CA ALA A 238 3.03 -20.96 -1.84
C ALA A 238 1.55 -20.79 -1.55
N GLU A 239 0.71 -21.49 -2.31
CA GLU A 239 -0.73 -21.63 -2.01
C GLU A 239 -1.20 -23.00 -2.40
N LEU A 240 -2.25 -23.50 -1.75
CA LEU A 240 -2.81 -24.81 -2.12
C LEU A 240 -3.91 -24.60 -3.12
N SER A 241 -4.00 -25.43 -4.15
CA SER A 241 -5.19 -25.46 -4.99
C SER A 241 -6.46 -25.72 -4.16
N ASP A 242 -7.63 -25.29 -4.67
CA ASP A 242 -8.91 -25.39 -3.94
C ASP A 242 -9.27 -26.82 -3.53
N ASP A 243 -8.84 -27.79 -4.35
CA ASP A 243 -9.00 -29.21 -4.03
C ASP A 243 -7.88 -29.80 -3.18
N GLY A 244 -6.91 -28.99 -2.75
CA GLY A 244 -5.86 -29.47 -1.84
C GLY A 244 -4.76 -30.33 -2.48
N ARG A 245 -4.89 -30.63 -3.77
CA ARG A 245 -4.01 -31.55 -4.46
C ARG A 245 -2.64 -30.96 -4.87
N TYR A 246 -2.59 -29.68 -5.20
CA TYR A 246 -1.35 -29.07 -5.70
C TYR A 246 -0.90 -27.92 -4.84
N VAL A 247 0.41 -27.85 -4.60
CA VAL A 247 1.04 -26.60 -4.10
C VAL A 247 1.42 -25.78 -5.31
N LEU A 248 0.95 -24.54 -5.39
CA LEU A 248 1.37 -23.63 -6.49
C LEU A 248 2.38 -22.63 -5.93
N LEU A 249 3.54 -22.53 -6.57
CA LEU A 249 4.59 -21.62 -6.19
C LEU A 249 4.67 -20.46 -7.19
N SER A 250 4.45 -19.26 -6.67
CA SER A 250 4.55 -18.04 -7.46
C SER A 250 5.86 -17.40 -7.06
N ILE A 251 6.80 -17.37 -8.00
CA ILE A 251 8.10 -16.73 -7.74
C ILE A 251 8.14 -15.34 -8.34
N ARG A 252 8.48 -14.36 -7.49
CA ARG A 252 8.57 -12.96 -7.88
C ARG A 252 10.03 -12.52 -7.79
N GLU A 253 10.39 -11.56 -8.62
CA GLU A 253 11.64 -10.84 -8.44
C GLU A 253 11.35 -9.40 -8.81
N GLY A 254 11.26 -8.53 -7.81
CA GLY A 254 10.85 -7.16 -8.06
C GLY A 254 9.36 -6.97 -7.90
N CYS A 255 8.88 -5.79 -8.32
CA CYS A 255 7.50 -5.39 -8.06
C CYS A 255 6.60 -5.46 -9.29
N ASP A 256 7.14 -5.93 -10.42
CA ASP A 256 6.28 -6.05 -11.61
C ASP A 256 5.21 -7.11 -11.42
N PRO A 257 4.02 -6.90 -12.04
CA PRO A 257 2.97 -7.89 -11.93
C PRO A 257 3.27 -9.06 -12.89
N VAL A 258 4.33 -9.80 -12.57
CA VAL A 258 4.73 -11.02 -13.28
C VAL A 258 5.22 -12.04 -12.26
N ASN A 259 5.15 -13.32 -12.62
CA ASN A 259 5.64 -14.41 -11.76
C ASN A 259 5.93 -15.69 -12.52
N ARG A 260 6.97 -16.43 -12.11
CA ARG A 260 7.06 -17.83 -12.53
C ARG A 260 5.92 -18.58 -11.79
N LEU A 261 5.49 -19.70 -12.32
CA LEU A 261 4.45 -20.50 -11.68
C LEU A 261 4.95 -21.95 -11.76
N TRP A 262 5.32 -22.51 -10.61
CA TRP A 262 5.68 -23.92 -10.55
C TRP A 262 4.59 -24.63 -9.76
N TYR A 263 4.39 -25.92 -10.03
CA TYR A 263 3.45 -26.66 -9.21
C TYR A 263 4.02 -27.95 -8.63
N CYS A 264 3.48 -28.37 -7.50
CA CYS A 264 3.78 -29.69 -6.99
C CYS A 264 2.50 -30.46 -6.72
N ASP A 265 2.30 -31.56 -7.43
CA ASP A 265 1.20 -32.51 -7.12
C ASP A 265 1.56 -33.28 -5.84
N LEU A 266 0.92 -32.95 -4.72
CA LEU A 266 1.32 -33.50 -3.42
C LEU A 266 1.22 -35.03 -3.33
N GLN A 267 0.22 -35.59 -4.01
CA GLN A 267 0.06 -37.04 -4.17
C GLN A 267 1.29 -37.71 -4.79
N GLN A 268 2.10 -36.95 -5.56
CA GLN A 268 3.29 -37.50 -6.22
C GLN A 268 4.58 -37.45 -5.37
N GLU A 269 4.50 -36.88 -4.17
CA GLU A 269 5.66 -36.86 -3.29
C GLU A 269 5.95 -38.28 -2.80
N SER A 270 7.20 -38.67 -2.75
CA SER A 270 7.51 -40.06 -2.43
C SER A 270 7.05 -40.45 -1.03
N ASN A 271 7.08 -39.51 -0.07
CA ASN A 271 6.71 -39.76 1.34
C ASN A 271 6.15 -38.51 2.07
N GLY A 272 5.20 -37.81 1.47
CA GLY A 272 4.77 -36.53 2.03
C GLY A 272 5.84 -35.45 1.88
N ILE A 273 5.77 -34.40 2.70
CA ILE A 273 6.66 -33.24 2.56
C ILE A 273 7.90 -33.49 3.43
N THR A 274 9.03 -33.80 2.78
CA THR A 274 10.22 -34.21 3.53
C THR A 274 11.45 -33.44 3.07
N GLY A 275 11.34 -32.69 1.98
CA GLY A 275 12.49 -31.89 1.58
C GLY A 275 12.09 -31.03 0.41
N ILE A 276 13.04 -30.76 -0.48
CA ILE A 276 12.73 -29.96 -1.67
C ILE A 276 11.66 -30.73 -2.48
N LEU A 277 10.57 -30.03 -2.83
CA LEU A 277 9.45 -30.73 -3.49
C LEU A 277 9.78 -31.01 -4.94
N LYS A 278 9.03 -31.95 -5.53
CA LYS A 278 9.21 -32.28 -6.94
C LYS A 278 8.50 -31.24 -7.79
N TRP A 279 9.08 -30.03 -7.86
CA TRP A 279 8.47 -28.93 -8.60
C TRP A 279 8.43 -29.22 -10.09
N VAL A 280 7.30 -28.91 -10.71
CA VAL A 280 7.14 -28.96 -12.17
C VAL A 280 7.06 -27.53 -12.67
N LYS A 281 8.01 -27.15 -13.54
CA LYS A 281 8.20 -25.73 -13.84
C LYS A 281 7.29 -25.29 -14.98
N LEU A 282 6.00 -25.13 -14.67
CA LEU A 282 4.96 -24.87 -15.68
C LEU A 282 5.24 -23.57 -16.46
N ILE A 283 5.41 -22.45 -15.73
CA ILE A 283 5.79 -21.17 -16.33
C ILE A 283 7.13 -20.80 -15.70
N ASP A 284 8.20 -20.86 -16.49
CA ASP A 284 9.52 -20.74 -15.90
C ASP A 284 10.25 -19.49 -16.43
N ASN A 285 9.56 -18.36 -16.41
CA ASN A 285 10.10 -17.05 -16.79
C ASN A 285 9.25 -15.98 -16.13
N PHE A 286 9.63 -14.71 -16.28
CA PHE A 286 8.90 -13.60 -15.69
C PHE A 286 8.19 -12.77 -16.75
N GLU A 287 7.64 -13.41 -17.77
CA GLU A 287 7.04 -12.66 -18.88
C GLU A 287 5.60 -12.26 -18.62
N GLY A 288 4.96 -12.86 -17.62
CA GLY A 288 3.55 -12.57 -17.38
C GLY A 288 3.13 -12.92 -15.97
N GLU A 289 1.99 -12.38 -15.54
CA GLU A 289 1.42 -12.72 -14.25
C GLU A 289 0.46 -13.90 -14.42
N TYR A 290 0.45 -14.78 -13.44
CA TYR A 290 -0.44 -15.94 -13.43
C TYR A 290 -0.93 -16.05 -11.99
N ASP A 291 -2.14 -15.57 -11.79
CA ASP A 291 -2.76 -15.49 -10.49
C ASP A 291 -3.82 -16.59 -10.44
N TYR A 292 -3.64 -17.58 -9.57
CA TYR A 292 -4.53 -18.75 -9.51
C TYR A 292 -5.96 -18.37 -9.10
N VAL A 293 -6.97 -18.82 -9.86
CA VAL A 293 -8.36 -18.52 -9.50
C VAL A 293 -9.04 -19.79 -8.95
N THR A 294 -8.95 -20.89 -9.70
CA THR A 294 -9.47 -22.16 -9.23
C THR A 294 -8.97 -23.25 -10.22
N ASN A 295 -9.26 -24.51 -9.95
CA ASN A 295 -9.03 -25.54 -10.95
C ASN A 295 -10.15 -26.56 -10.88
N GLU A 296 -10.25 -27.36 -11.93
CA GLU A 296 -11.17 -28.47 -12.00
C GLU A 296 -10.32 -29.59 -12.58
N GLY A 297 -9.96 -30.55 -11.73
CA GLY A 297 -8.92 -31.53 -12.09
C GLY A 297 -7.66 -30.80 -12.55
N THR A 298 -7.21 -31.10 -13.77
CA THR A 298 -5.96 -30.52 -14.26
C THR A 298 -6.14 -29.20 -14.99
N VAL A 299 -7.39 -28.73 -15.11
CA VAL A 299 -7.66 -27.45 -15.75
C VAL A 299 -7.67 -26.29 -14.73
N PHE A 300 -6.62 -25.48 -14.85
CA PHE A 300 -6.34 -24.40 -13.95
C PHE A 300 -6.71 -23.06 -14.55
N THR A 301 -7.59 -22.34 -13.87
CA THR A 301 -7.98 -21.01 -14.29
C THR A 301 -7.07 -19.93 -13.65
N PHE A 302 -6.48 -19.06 -14.47
CA PHE A 302 -5.58 -18.01 -13.97
C PHE A 302 -6.01 -16.65 -14.51
N LYS A 303 -5.90 -15.62 -13.67
CA LYS A 303 -5.94 -14.26 -14.12
C LYS A 303 -4.53 -13.94 -14.60
N THR A 304 -4.44 -13.41 -15.81
CA THR A 304 -3.15 -13.15 -16.42
C THR A 304 -3.15 -11.82 -17.14
N ASN A 305 -1.94 -11.27 -17.30
CA ASN A 305 -1.74 -10.12 -18.19
C ASN A 305 -0.93 -10.49 -19.42
N ARG A 306 -0.70 -11.78 -19.64
CA ARG A 306 0.07 -12.22 -20.79
C ARG A 306 -0.69 -11.89 -22.10
N HIS A 307 -0.05 -11.09 -22.97
CA HIS A 307 -0.67 -10.53 -24.18
C HIS A 307 -1.91 -9.68 -23.89
N SER A 308 -2.11 -9.27 -22.64
CA SER A 308 -3.37 -8.60 -22.25
C SER A 308 -3.14 -7.59 -21.11
N PRO A 309 -2.70 -6.39 -21.49
CA PRO A 309 -2.44 -5.31 -20.56
C PRO A 309 -3.58 -5.02 -19.58
N ASN A 310 -4.84 -5.27 -19.97
CA ASN A 310 -5.97 -4.98 -19.07
C ASN A 310 -6.43 -6.22 -18.32
N TYR A 311 -5.69 -7.33 -18.48
CA TYR A 311 -5.93 -8.61 -17.80
C TYR A 311 -7.09 -9.42 -18.40
N ARG A 312 -7.00 -10.75 -18.29
CA ARG A 312 -8.04 -11.65 -18.80
C ARG A 312 -7.95 -12.94 -18.01
N LEU A 313 -8.87 -13.86 -18.27
CA LEU A 313 -8.83 -15.18 -17.63
C LEU A 313 -8.54 -16.25 -18.67
N ILE A 314 -7.54 -17.08 -18.39
CA ILE A 314 -7.19 -18.21 -19.24
C ILE A 314 -7.27 -19.52 -18.47
N ASN A 315 -7.52 -20.62 -19.18
CA ASN A 315 -7.40 -21.98 -18.66
C ASN A 315 -6.16 -22.65 -19.20
N ILE A 316 -5.33 -23.15 -18.30
CA ILE A 316 -4.14 -23.91 -18.64
C ILE A 316 -4.37 -25.30 -18.12
N ASP A 317 -4.38 -26.27 -19.03
CA ASP A 317 -4.49 -27.66 -18.67
C ASP A 317 -3.08 -28.17 -18.41
N PHE A 318 -2.81 -28.65 -17.18
CA PHE A 318 -1.45 -29.14 -16.85
C PHE A 318 -1.04 -30.34 -17.72
N THR A 319 -2.01 -31.08 -18.28
CA THR A 319 -1.71 -32.24 -19.12
C THR A 319 -1.48 -31.80 -20.58
N ASP A 320 -1.79 -30.54 -20.90
CA ASP A 320 -1.52 -30.02 -22.26
C ASP A 320 -1.06 -28.55 -22.15
N PRO A 321 0.12 -28.35 -21.57
CA PRO A 321 0.45 -27.04 -20.99
C PRO A 321 1.02 -25.96 -21.95
N GLU A 322 1.32 -26.32 -23.20
CA GLU A 322 1.92 -25.34 -24.14
C GLU A 322 1.00 -24.15 -24.35
N GLU A 323 1.57 -22.96 -24.51
CA GLU A 323 0.79 -21.73 -24.60
C GLU A 323 -0.23 -21.75 -25.74
N SER A 324 0.13 -22.34 -26.89
CA SER A 324 -0.84 -22.44 -28.01
C SER A 324 -2.10 -23.25 -27.63
N LYS A 325 -2.03 -24.05 -26.57
CA LYS A 325 -3.22 -24.82 -26.19
C LYS A 325 -4.14 -24.15 -25.16
N TRP A 326 -3.68 -23.07 -24.54
CA TRP A 326 -4.46 -22.42 -23.47
C TRP A 326 -5.79 -21.91 -24.02
N LYS A 327 -6.83 -21.98 -23.21
CA LYS A 327 -8.15 -21.46 -23.60
C LYS A 327 -8.36 -20.10 -22.95
N VAL A 328 -8.93 -19.15 -23.70
CA VAL A 328 -9.24 -17.86 -23.13
C VAL A 328 -10.67 -17.95 -22.61
N LEU A 329 -10.85 -17.90 -21.30
CA LEU A 329 -12.16 -18.13 -20.69
C LEU A 329 -12.98 -16.82 -20.68
N VAL A 330 -12.35 -15.74 -20.20
CA VAL A 330 -12.93 -14.39 -20.23
C VAL A 330 -11.89 -13.46 -20.93
N PRO A 331 -12.14 -13.09 -22.20
CA PRO A 331 -11.22 -12.23 -22.93
C PRO A 331 -10.99 -10.86 -22.31
N GLU A 332 -9.87 -10.27 -22.67
CA GLU A 332 -9.47 -8.98 -22.16
C GLU A 332 -10.47 -7.95 -22.64
N HIS A 333 -10.79 -6.99 -21.77
CA HIS A 333 -11.60 -5.85 -22.18
C HIS A 333 -10.69 -4.83 -22.85
N GLU A 334 -11.24 -4.11 -23.81
CA GLU A 334 -10.48 -3.09 -24.50
C GLU A 334 -10.06 -1.91 -23.65
N LYS A 335 -10.83 -1.57 -22.61
CA LYS A 335 -10.40 -0.45 -21.73
C LYS A 335 -10.40 -0.76 -20.23
N ASP A 336 -11.38 -1.54 -19.78
CA ASP A 336 -11.55 -1.82 -18.35
C ASP A 336 -10.56 -2.87 -17.79
N VAL A 337 -10.00 -2.57 -16.63
CA VAL A 337 -9.03 -3.46 -16.01
C VAL A 337 -9.77 -4.48 -15.16
N LEU A 338 -9.50 -5.77 -15.43
CA LEU A 338 -9.90 -6.86 -14.55
C LEU A 338 -8.94 -6.81 -13.34
N GLU A 339 -9.44 -6.30 -12.22
CA GLU A 339 -8.63 -6.10 -11.03
C GLU A 339 -8.38 -7.37 -10.24
N TRP A 340 -9.42 -8.16 -9.99
CA TRP A 340 -9.27 -9.43 -9.28
C TRP A 340 -10.46 -10.32 -9.59
N VAL A 341 -10.29 -11.60 -9.30
CA VAL A 341 -11.27 -12.64 -9.62
C VAL A 341 -11.29 -13.63 -8.45
N ALA A 342 -12.49 -14.06 -8.05
CA ALA A 342 -12.65 -15.10 -7.04
C ALA A 342 -13.56 -16.20 -7.59
N CYS A 343 -13.34 -17.45 -7.17
CA CYS A 343 -14.28 -18.53 -7.47
C CYS A 343 -15.11 -18.86 -6.25
N VAL A 344 -16.43 -18.94 -6.43
CA VAL A 344 -17.35 -19.15 -5.29
C VAL A 344 -18.46 -20.11 -5.71
N ARG A 345 -19.00 -20.81 -4.72
CA ARG A 345 -20.08 -21.81 -4.95
C ARG A 345 -19.80 -22.77 -6.09
N SER A 346 -18.57 -23.33 -6.11
CA SER A 346 -18.05 -24.32 -7.11
C SER A 346 -17.83 -23.77 -8.51
N ASN A 347 -18.90 -23.24 -9.11
CA ASN A 347 -18.87 -22.87 -10.52
C ASN A 347 -19.28 -21.41 -10.85
N PHE A 348 -19.21 -20.50 -9.89
CA PHE A 348 -19.31 -19.07 -10.19
C PHE A 348 -17.93 -18.43 -10.10
N LEU A 349 -17.72 -17.40 -10.92
CA LEU A 349 -16.60 -16.50 -10.78
C LEU A 349 -17.14 -15.12 -10.45
N VAL A 350 -16.52 -14.46 -9.48
CA VAL A 350 -16.81 -13.07 -9.22
C VAL A 350 -15.68 -12.24 -9.82
N LEU A 351 -16.04 -11.32 -10.71
CA LEU A 351 -15.04 -10.49 -11.33
C LEU A 351 -15.25 -9.04 -10.98
N CYS A 352 -14.16 -8.36 -10.65
CA CYS A 352 -14.21 -6.99 -10.25
C CYS A 352 -13.38 -6.19 -11.25
N TYR A 353 -14.03 -5.27 -11.99
CA TYR A 353 -13.38 -4.44 -13.00
C TYR A 353 -13.19 -3.03 -12.46
N LEU A 354 -12.21 -2.33 -13.04
CA LEU A 354 -11.96 -0.91 -12.80
C LEU A 354 -12.32 -0.20 -14.12
N HIS A 355 -13.40 0.59 -14.10
CA HIS A 355 -13.89 1.33 -15.26
C HIS A 355 -13.73 2.81 -14.98
N ASP A 356 -12.79 3.47 -15.69
CA ASP A 356 -12.43 4.87 -15.36
C ASP A 356 -12.32 5.13 -13.87
N VAL A 357 -11.53 4.26 -13.22
CA VAL A 357 -11.20 4.42 -11.81
C VAL A 357 -12.38 4.25 -10.82
N LYS A 358 -13.42 3.51 -11.23
CA LYS A 358 -14.54 3.13 -10.36
C LYS A 358 -14.73 1.62 -10.52
N ASN A 359 -15.11 0.92 -9.46
CA ASN A 359 -15.29 -0.53 -9.55
C ASN A 359 -16.68 -0.96 -10.02
N THR A 360 -16.72 -2.05 -10.79
CA THR A 360 -17.95 -2.76 -11.06
C THR A 360 -17.73 -4.17 -10.52
N LEU A 361 -18.80 -4.94 -10.33
CA LEU A 361 -18.67 -6.28 -9.78
C LEU A 361 -19.72 -7.15 -10.47
N GLN A 362 -19.27 -8.29 -11.01
CA GLN A 362 -20.05 -9.14 -11.93
C GLN A 362 -19.88 -10.60 -11.51
N LEU A 363 -20.93 -11.39 -11.68
CA LEU A 363 -20.89 -12.85 -11.49
C LEU A 363 -20.86 -13.50 -12.86
N HIS A 364 -19.92 -14.43 -13.06
CA HIS A 364 -19.77 -15.18 -14.30
C HIS A 364 -19.82 -16.71 -14.08
N ASP A 365 -20.18 -17.44 -15.14
CA ASP A 365 -20.18 -18.90 -15.15
C ASP A 365 -18.72 -19.37 -15.32
N LEU A 366 -18.31 -20.38 -14.52
CA LEU A 366 -16.95 -20.90 -14.59
C LEU A 366 -16.70 -21.63 -15.90
N ALA A 367 -17.70 -22.38 -16.38
CA ALA A 367 -17.50 -23.23 -17.54
C ALA A 367 -17.29 -22.45 -18.85
N THR A 368 -18.07 -21.39 -19.05
CA THR A 368 -18.05 -20.69 -20.31
C THR A 368 -17.44 -19.31 -20.19
N GLY A 369 -17.35 -18.76 -18.99
CA GLY A 369 -16.94 -17.37 -18.84
C GLY A 369 -18.09 -16.38 -18.99
N ALA A 370 -19.30 -16.85 -19.32
CA ALA A 370 -20.43 -15.97 -19.64
C ALA A 370 -20.86 -15.14 -18.43
N LEU A 371 -21.18 -13.87 -18.67
CA LEU A 371 -21.71 -12.98 -17.62
C LEU A 371 -23.12 -13.46 -17.18
N LEU A 372 -23.35 -13.58 -15.88
CA LEU A 372 -24.66 -13.97 -15.35
C LEU A 372 -25.39 -12.87 -14.59
N LYS A 373 -24.67 -12.03 -13.85
CA LYS A 373 -25.31 -11.06 -12.96
C LYS A 373 -24.39 -9.86 -12.74
N ILE A 374 -24.96 -8.67 -12.78
CA ILE A 374 -24.22 -7.50 -12.38
C ILE A 374 -24.67 -7.13 -10.97
N PHE A 375 -23.72 -6.89 -10.07
CA PHE A 375 -24.07 -6.39 -8.74
C PHE A 375 -23.99 -4.85 -8.79
N PRO A 376 -25.14 -4.15 -8.65
CA PRO A 376 -25.16 -2.71 -8.84
C PRO A 376 -24.45 -1.98 -7.68
N LEU A 377 -23.67 -0.97 -8.00
CA LEU A 377 -22.88 -0.24 -7.02
C LEU A 377 -22.93 1.22 -7.42
N GLU A 378 -22.87 2.10 -6.42
CA GLU A 378 -22.67 3.54 -6.63
C GLU A 378 -21.25 3.79 -7.12
N VAL A 379 -20.84 5.04 -7.35
CA VAL A 379 -19.46 5.18 -7.81
C VAL A 379 -18.51 5.18 -6.63
N GLY A 380 -17.53 4.28 -6.69
CA GLY A 380 -16.50 4.20 -5.65
C GLY A 380 -15.71 2.92 -5.83
N SER A 381 -15.34 2.28 -4.72
CA SER A 381 -14.40 1.16 -4.75
C SER A 381 -14.96 -0.05 -4.01
N VAL A 382 -14.65 -1.26 -4.50
CA VAL A 382 -14.87 -2.45 -3.69
C VAL A 382 -13.57 -2.65 -2.91
N VAL A 383 -13.64 -2.68 -1.58
CA VAL A 383 -12.42 -2.77 -0.80
C VAL A 383 -12.36 -4.01 0.09
N GLY A 384 -13.30 -4.93 -0.06
CA GLY A 384 -13.33 -6.13 0.77
C GLY A 384 -14.28 -7.09 0.10
N TYR A 385 -14.03 -8.38 0.25
CA TYR A 385 -14.81 -9.42 -0.40
C TYR A 385 -14.57 -10.68 0.41
N SER A 386 -15.59 -11.52 0.52
CA SER A 386 -15.37 -12.91 0.91
C SER A 386 -16.27 -13.83 0.11
N GLY A 387 -15.75 -15.04 -0.14
CA GLY A 387 -16.54 -16.12 -0.78
C GLY A 387 -15.57 -16.99 -1.58
N GLN A 388 -15.27 -18.17 -1.05
CA GLN A 388 -14.33 -19.06 -1.75
C GLN A 388 -15.06 -20.27 -2.32
N LYS A 389 -14.29 -21.19 -2.92
CA LYS A 389 -14.91 -22.20 -3.77
C LYS A 389 -16.04 -22.96 -3.07
N LYS A 390 -15.83 -23.30 -1.81
CA LYS A 390 -16.77 -24.18 -1.10
C LYS A 390 -17.92 -23.40 -0.52
N ASP A 391 -17.78 -22.08 -0.47
CA ASP A 391 -18.79 -21.21 0.16
C ASP A 391 -20.00 -21.01 -0.76
N THR A 392 -21.19 -20.75 -0.20
CA THR A 392 -22.37 -20.64 -1.04
C THR A 392 -22.96 -19.24 -1.02
N GLU A 393 -22.17 -18.30 -0.50
CA GLU A 393 -22.61 -16.92 -0.37
C GLU A 393 -21.42 -15.97 -0.50
N ILE A 394 -21.70 -14.70 -0.79
CA ILE A 394 -20.60 -13.72 -0.81
C ILE A 394 -20.91 -12.53 0.06
N PHE A 395 -19.85 -11.89 0.54
CA PHE A 395 -19.96 -10.56 1.13
C PHE A 395 -19.04 -9.67 0.34
N TYR A 396 -19.41 -8.40 0.20
CA TYR A 396 -18.48 -7.43 -0.41
C TYR A 396 -18.70 -6.04 0.14
N GLN A 397 -17.62 -5.28 0.22
CA GLN A 397 -17.65 -4.01 0.91
C GLN A 397 -17.28 -2.88 -0.03
N PHE A 398 -18.13 -1.87 -0.04
CA PHE A 398 -17.99 -0.76 -0.91
C PHE A 398 -17.74 0.51 -0.08
N THR A 399 -16.92 1.41 -0.63
CA THR A 399 -16.63 2.68 0.01
C THR A 399 -16.52 3.76 -1.11
N SER A 400 -16.56 5.02 -0.72
CA SER A 400 -16.38 6.11 -1.70
C SER A 400 -15.89 7.33 -0.92
N PHE A 401 -15.71 8.46 -1.61
CA PHE A 401 -15.24 9.70 -0.97
C PHE A 401 -16.14 10.21 0.14
N LEU A 402 -17.46 10.01 0.00
CA LEU A 402 -18.41 10.75 0.82
C LEU A 402 -19.15 9.93 1.86
N SER A 403 -18.99 8.61 1.84
CA SER A 403 -19.59 7.77 2.90
C SER A 403 -18.73 6.57 3.26
N PRO A 404 -18.77 6.18 4.55
CA PRO A 404 -17.93 5.09 5.05
C PRO A 404 -18.27 3.80 4.33
N GLY A 405 -19.47 3.72 3.80
CA GLY A 405 -19.76 2.59 2.97
C GLY A 405 -20.54 1.46 3.61
N ILE A 406 -20.74 0.45 2.78
CA ILE A 406 -21.79 -0.52 2.96
C ILE A 406 -21.18 -1.91 2.77
N ILE A 407 -21.63 -2.88 3.54
CA ILE A 407 -21.25 -4.26 3.33
C ILE A 407 -22.47 -4.95 2.78
N TYR A 408 -22.32 -5.59 1.63
CA TYR A 408 -23.45 -6.31 1.02
C TYR A 408 -23.30 -7.78 1.23
N HIS A 409 -24.42 -8.50 1.18
CA HIS A 409 -24.43 -9.94 1.29
C HIS A 409 -25.27 -10.46 0.16
N CYS A 410 -24.83 -11.57 -0.45
CA CYS A 410 -25.65 -12.28 -1.43
C CYS A 410 -25.60 -13.81 -1.29
N ASP A 411 -26.78 -14.39 -1.05
CA ASP A 411 -26.95 -15.84 -0.91
C ASP A 411 -26.97 -16.43 -2.33
N LEU A 412 -25.90 -17.14 -2.68
CA LEU A 412 -25.77 -17.65 -4.05
C LEU A 412 -26.49 -18.98 -4.31
N THR A 413 -27.19 -19.50 -3.31
CA THR A 413 -27.98 -20.73 -3.53
C THR A 413 -29.35 -20.41 -4.11
N LYS A 414 -29.69 -19.13 -4.13
CA LYS A 414 -30.99 -18.67 -4.64
C LYS A 414 -30.98 -18.56 -6.15
N GLU A 415 -32.08 -19.03 -6.76
CA GLU A 415 -32.27 -18.96 -8.20
C GLU A 415 -32.10 -17.54 -8.70
N GLU A 416 -32.70 -16.60 -7.97
CA GLU A 416 -32.65 -15.20 -8.32
C GLU A 416 -31.78 -14.49 -7.32
N LEU A 417 -30.60 -14.07 -7.76
CA LEU A 417 -29.64 -13.46 -6.85
C LEU A 417 -30.12 -12.08 -6.50
N GLU A 418 -30.18 -11.81 -5.22
CA GLU A 418 -30.51 -10.47 -4.81
C GLU A 418 -29.63 -10.06 -3.69
N PRO A 419 -28.63 -9.24 -4.00
CA PRO A 419 -27.75 -8.76 -2.94
C PRO A 419 -28.57 -7.91 -1.97
N ARG A 420 -28.18 -7.91 -0.70
CA ARG A 420 -28.83 -7.05 0.30
C ARG A 420 -27.77 -6.30 1.10
N VAL A 421 -28.14 -5.11 1.59
CA VAL A 421 -27.30 -4.38 2.55
C VAL A 421 -27.22 -5.25 3.81
N PHE A 422 -26.01 -5.59 4.20
CA PHE A 422 -25.77 -6.38 5.39
C PHE A 422 -25.36 -5.46 6.57
N ARG A 423 -24.49 -4.48 6.31
CA ARG A 423 -24.12 -3.45 7.32
C ARG A 423 -23.89 -2.13 6.61
N GLU A 424 -24.38 -1.05 7.22
CA GLU A 424 -24.15 0.30 6.71
C GLU A 424 -24.02 1.21 7.91
N VAL A 425 -23.02 2.09 7.92
CA VAL A 425 -22.86 3.00 9.06
C VAL A 425 -22.86 4.44 8.60
N THR A 426 -23.65 5.28 9.25
CA THR A 426 -23.63 6.73 8.90
C THR A 426 -22.64 7.53 9.79
N VAL A 427 -21.89 8.46 9.18
CA VAL A 427 -21.04 9.36 9.98
C VAL A 427 -21.75 10.70 10.23
N LYS A 428 -22.42 10.77 11.37
CA LYS A 428 -23.13 11.98 11.78
C LYS A 428 -22.10 13.06 12.05
N GLY A 429 -22.25 14.20 11.39
CA GLY A 429 -21.26 15.27 11.45
C GLY A 429 -20.85 15.69 10.06
N ILE A 430 -20.86 14.74 9.14
CA ILE A 430 -20.65 15.09 7.74
C ILE A 430 -21.87 14.68 6.93
N ASP A 431 -22.56 15.68 6.40
CA ASP A 431 -23.68 15.45 5.50
C ASP A 431 -23.16 15.31 4.05
N ALA A 432 -23.22 14.09 3.53
CA ALA A 432 -22.67 13.78 2.21
C ALA A 432 -23.28 14.63 1.09
N SER A 433 -24.57 14.95 1.24
CA SER A 433 -25.30 15.69 0.24
C SER A 433 -24.88 17.17 0.12
N ASP A 434 -24.06 17.66 1.03
CA ASP A 434 -23.49 19.02 0.92
C ASP A 434 -22.32 19.07 -0.06
N TYR A 435 -21.79 17.91 -0.41
CA TYR A 435 -20.56 17.83 -1.22
C TYR A 435 -20.79 17.16 -2.56
N GLN A 436 -19.88 17.38 -3.49
CA GLN A 436 -19.90 16.60 -4.73
C GLN A 436 -18.51 16.14 -5.12
N THR A 437 -18.50 15.04 -5.87
CA THR A 437 -17.31 14.47 -6.45
C THR A 437 -17.50 14.62 -7.94
N VAL A 438 -16.51 15.18 -8.63
CA VAL A 438 -16.54 15.20 -10.07
C VAL A 438 -15.31 14.46 -10.58
N GLN A 439 -15.41 13.89 -11.76
CA GLN A 439 -14.25 13.32 -12.39
C GLN A 439 -13.98 14.09 -13.66
N ILE A 440 -12.75 14.59 -13.83
CA ILE A 440 -12.38 15.24 -15.08
C ILE A 440 -11.17 14.52 -15.65
N PHE A 441 -10.82 14.86 -16.88
CA PHE A 441 -9.69 14.29 -17.59
C PHE A 441 -8.90 15.45 -18.16
N TYR A 442 -7.66 15.63 -17.70
CA TYR A 442 -6.90 16.82 -18.11
C TYR A 442 -5.73 16.38 -18.99
N PRO A 443 -5.34 17.23 -19.98
CA PRO A 443 -4.19 16.80 -20.77
C PRO A 443 -2.84 17.02 -20.04
N SER A 444 -1.97 16.02 -20.13
CA SER A 444 -0.64 16.21 -19.59
C SER A 444 0.22 16.89 -20.66
N LYS A 445 1.50 17.07 -20.35
CA LYS A 445 2.42 17.75 -21.25
C LYS A 445 2.45 17.13 -22.67
N ASP A 446 2.42 15.79 -22.76
CA ASP A 446 2.44 15.14 -24.07
C ASP A 446 1.03 14.94 -24.65
N GLY A 447 0.02 15.55 -24.03
CA GLY A 447 -1.37 15.43 -24.51
C GLY A 447 -2.15 14.23 -23.96
N THR A 448 -1.50 13.30 -23.25
CA THR A 448 -2.23 12.16 -22.63
C THR A 448 -3.27 12.68 -21.63
N LYS A 449 -4.50 12.19 -21.74
CA LYS A 449 -5.60 12.57 -20.84
C LYS A 449 -5.51 11.78 -19.54
N ILE A 450 -5.38 12.51 -18.43
CA ILE A 450 -5.22 11.93 -17.10
C ILE A 450 -6.50 12.12 -16.27
N PRO A 451 -7.03 11.05 -15.64
CA PRO A 451 -8.20 11.24 -14.80
C PRO A 451 -7.86 11.99 -13.52
N MET A 452 -8.79 12.81 -13.05
CA MET A 452 -8.66 13.38 -11.72
C MET A 452 -10.05 13.46 -11.08
N PHE A 453 -10.16 12.95 -9.85
CA PHE A 453 -11.31 13.18 -8.97
C PHE A 453 -11.16 14.48 -8.20
N ILE A 454 -12.23 15.27 -8.16
CA ILE A 454 -12.25 16.47 -7.33
C ILE A 454 -13.46 16.45 -6.39
N VAL A 455 -13.23 16.70 -5.10
CA VAL A 455 -14.31 16.65 -4.10
C VAL A 455 -14.39 17.99 -3.40
N HIS A 456 -15.58 18.59 -3.36
CA HIS A 456 -15.72 19.94 -2.80
C HIS A 456 -17.15 20.23 -2.35
N LYS A 457 -17.30 21.28 -1.55
CA LYS A 457 -18.62 21.74 -1.13
C LYS A 457 -19.44 22.20 -2.37
N LYS A 458 -20.72 21.84 -2.41
CA LYS A 458 -21.62 22.27 -3.49
C LYS A 458 -21.79 23.77 -3.50
N GLY A 459 -21.77 24.36 -4.70
CA GLY A 459 -22.09 25.76 -4.87
C GLY A 459 -20.92 26.73 -4.76
N ILE A 460 -19.69 26.24 -4.61
CA ILE A 460 -18.54 27.13 -4.50
C ILE A 460 -18.22 27.84 -5.81
N LYS A 461 -17.70 29.05 -5.68
CA LYS A 461 -17.32 29.86 -6.83
C LYS A 461 -15.89 29.46 -7.16
N LEU A 462 -15.64 29.14 -8.43
CA LEU A 462 -14.28 28.82 -8.85
C LEU A 462 -13.46 30.10 -9.08
N ASP A 463 -13.08 30.75 -8.00
CA ASP A 463 -12.42 32.05 -8.09
C ASP A 463 -10.97 31.97 -7.66
N GLY A 464 -10.47 30.74 -7.50
CA GLY A 464 -9.09 30.50 -7.07
C GLY A 464 -8.82 30.73 -5.59
N SER A 465 -9.86 31.01 -4.80
CA SER A 465 -9.66 31.42 -3.40
C SER A 465 -9.49 30.26 -2.43
N HIS A 466 -9.78 29.04 -2.88
CA HIS A 466 -9.88 27.90 -1.93
C HIS A 466 -8.54 27.23 -1.66
N PRO A 467 -8.29 26.81 -0.40
CA PRO A 467 -7.14 25.92 -0.24
C PRO A 467 -7.47 24.58 -0.89
N ALA A 468 -6.45 23.91 -1.41
CA ALA A 468 -6.62 22.62 -2.07
C ALA A 468 -5.58 21.64 -1.57
N PHE A 469 -5.98 20.38 -1.58
CA PHE A 469 -5.16 19.25 -1.15
C PHE A 469 -5.19 18.25 -2.30
N LEU A 470 -4.05 18.16 -2.97
CA LEU A 470 -3.90 17.36 -4.18
C LEU A 470 -3.04 16.14 -3.88
N TYR A 471 -3.62 14.96 -4.06
CA TYR A 471 -2.96 13.71 -3.71
C TYR A 471 -2.58 12.89 -4.94
N GLY A 472 -1.40 12.24 -4.91
CA GLY A 472 -0.98 11.35 -5.99
C GLY A 472 -0.06 10.24 -5.50
N TYR A 473 0.06 9.20 -6.31
CA TYR A 473 1.04 8.12 -6.06
C TYR A 473 1.90 7.92 -7.32
N GLY A 474 1.35 7.24 -8.31
CA GLY A 474 1.99 7.15 -9.62
C GLY A 474 3.08 6.11 -9.68
N GLY A 475 2.73 4.84 -9.51
CA GLY A 475 3.75 3.82 -9.58
C GLY A 475 3.29 2.42 -9.25
N PHE A 476 4.08 1.43 -9.64
CA PHE A 476 3.93 0.07 -9.14
C PHE A 476 2.59 -0.56 -9.46
N ASN A 477 1.96 -0.09 -10.55
CA ASN A 477 0.67 -0.64 -11.01
C ASN A 477 -0.42 -0.48 -9.95
N ILE A 478 -0.26 0.43 -9.01
CA ILE A 478 -1.28 0.63 -7.96
C ILE A 478 -2.33 1.65 -8.43
N SER A 479 -3.61 1.28 -8.41
CA SER A 479 -4.67 2.20 -8.80
C SER A 479 -5.22 2.95 -7.59
N ILE A 480 -5.31 4.28 -7.73
CA ILE A 480 -5.72 5.16 -6.63
C ILE A 480 -7.22 5.45 -6.78
N THR A 481 -8.00 4.62 -6.10
CA THR A 481 -9.45 4.58 -6.30
C THR A 481 -10.20 5.27 -5.14
N PRO A 482 -11.48 5.61 -5.33
CA PRO A 482 -12.13 6.38 -4.26
C PRO A 482 -12.15 5.67 -2.90
N ASN A 483 -11.91 6.43 -1.83
CA ASN A 483 -11.96 5.84 -0.48
C ASN A 483 -12.43 6.87 0.52
N TYR A 484 -13.02 6.41 1.61
CA TYR A 484 -13.56 7.31 2.63
C TYR A 484 -12.49 7.77 3.59
N SER A 485 -12.27 9.07 3.66
CA SER A 485 -11.27 9.62 4.55
C SER A 485 -11.89 10.76 5.38
N VAL A 486 -12.15 10.48 6.65
CA VAL A 486 -12.62 11.49 7.61
C VAL A 486 -11.66 12.68 7.63
N SER A 487 -10.35 12.40 7.64
CA SER A 487 -9.31 13.44 7.81
C SER A 487 -9.34 14.41 6.64
N ARG A 488 -9.51 13.90 5.42
CA ARG A 488 -9.63 14.77 4.27
C ARG A 488 -10.95 15.52 4.24
N LEU A 489 -12.05 14.90 4.67
CA LEU A 489 -13.34 15.61 4.76
C LEU A 489 -13.35 16.75 5.82
N ILE A 490 -12.57 16.62 6.87
CA ILE A 490 -12.46 17.73 7.83
C ILE A 490 -11.76 18.94 7.15
N PHE A 491 -10.76 18.67 6.32
CA PHE A 491 -10.11 19.71 5.53
C PHE A 491 -11.13 20.45 4.67
N VAL A 492 -12.01 19.68 4.01
CA VAL A 492 -13.08 20.26 3.22
C VAL A 492 -14.04 21.08 4.07
N ARG A 493 -14.64 20.45 5.08
CA ARG A 493 -15.71 21.07 5.86
C ARG A 493 -15.23 22.15 6.80
N HIS A 494 -14.15 21.89 7.54
CA HIS A 494 -13.70 22.81 8.58
C HIS A 494 -12.48 23.69 8.22
N MET A 495 -11.88 23.45 7.06
CA MET A 495 -10.83 24.33 6.55
C MET A 495 -11.17 24.93 5.18
N GLY A 496 -12.37 24.63 4.70
CA GLY A 496 -12.91 25.17 3.43
C GLY A 496 -12.18 24.65 2.19
N GLY A 497 -11.62 23.46 2.30
CA GLY A 497 -10.74 22.95 1.28
C GLY A 497 -11.44 22.26 0.12
N VAL A 498 -10.66 22.12 -0.93
CA VAL A 498 -10.99 21.33 -2.10
C VAL A 498 -9.99 20.15 -2.10
N LEU A 499 -10.50 18.95 -2.31
CA LEU A 499 -9.69 17.75 -2.36
C LEU A 499 -9.61 17.30 -3.82
N ALA A 500 -8.45 16.79 -4.21
CA ALA A 500 -8.21 16.30 -5.57
C ALA A 500 -7.28 15.09 -5.52
N VAL A 501 -7.55 14.13 -6.39
CA VAL A 501 -6.73 12.91 -6.53
C VAL A 501 -6.44 12.70 -8.01
N ALA A 502 -5.17 12.78 -8.38
CA ALA A 502 -4.82 12.68 -9.80
C ALA A 502 -4.34 11.27 -10.09
N ASN A 503 -4.96 10.64 -11.08
CA ASN A 503 -4.65 9.27 -11.47
C ASN A 503 -3.52 9.16 -12.48
N ILE A 504 -2.34 9.65 -12.06
CA ILE A 504 -1.19 9.83 -12.97
C ILE A 504 -0.62 8.49 -13.45
N ARG A 505 0.16 8.53 -14.54
CA ARG A 505 0.77 7.30 -15.05
C ARG A 505 1.72 6.67 -14.04
N GLY A 506 2.05 5.39 -14.24
CA GLY A 506 2.75 4.60 -13.23
C GLY A 506 1.77 3.71 -12.45
N GLY A 507 0.56 4.21 -12.22
CA GLY A 507 -0.49 3.42 -11.56
C GLY A 507 -1.09 2.37 -12.49
N GLY A 508 -2.03 1.59 -11.97
CA GLY A 508 -2.64 0.55 -12.75
C GLY A 508 -4.02 0.88 -13.34
N GLU A 509 -4.41 2.14 -13.29
CA GLU A 509 -5.78 2.54 -13.65
C GLU A 509 -6.16 2.14 -15.06
N TYR A 510 -5.20 2.24 -16.01
CA TYR A 510 -5.50 1.76 -17.38
C TYR A 510 -4.58 0.62 -17.73
N GLY A 511 -4.37 -0.29 -16.78
CA GLY A 511 -3.67 -1.54 -17.06
C GLY A 511 -2.18 -1.38 -17.21
N GLU A 512 -1.54 -2.35 -17.86
CA GLU A 512 -0.10 -2.36 -17.85
C GLU A 512 0.48 -1.20 -18.66
N THR A 513 -0.23 -0.69 -19.66
CA THR A 513 0.33 0.42 -20.47
C THR A 513 0.34 1.71 -19.63
N TRP A 514 -0.58 1.82 -18.69
CA TRP A 514 -0.58 2.97 -17.76
C TRP A 514 0.61 2.85 -16.83
N HIS A 515 0.84 1.62 -16.33
CA HIS A 515 1.98 1.34 -15.46
C HIS A 515 3.31 1.63 -16.17
N LYS A 516 3.50 1.03 -17.35
CA LYS A 516 4.72 1.28 -18.11
C LYS A 516 4.94 2.73 -18.54
N GLY A 517 3.86 3.48 -18.61
CA GLY A 517 3.94 4.91 -18.94
C GLY A 517 4.48 5.78 -17.82
N GLY A 518 4.71 5.18 -16.66
CA GLY A 518 5.31 5.92 -15.54
C GLY A 518 6.44 5.21 -14.82
N ILE A 519 7.25 4.45 -15.56
CA ILE A 519 8.40 3.76 -14.99
C ILE A 519 9.67 3.96 -15.84
N LEU A 520 10.80 3.64 -15.25
CA LEU A 520 12.07 3.51 -15.95
C LEU A 520 12.43 4.84 -16.64
N ALA A 521 12.76 4.80 -17.95
CA ALA A 521 13.04 6.03 -18.73
C ALA A 521 11.90 7.06 -18.67
N ASN A 522 10.69 6.61 -18.41
CA ASN A 522 9.49 7.46 -18.51
C ASN A 522 8.94 7.90 -17.14
N LYS A 523 9.71 7.67 -16.07
CA LYS A 523 9.27 8.08 -14.71
C LYS A 523 8.93 9.57 -14.67
N GLN A 524 9.61 10.36 -15.49
CA GLN A 524 9.31 11.80 -15.51
C GLN A 524 7.83 12.09 -15.91
N ASN A 525 7.21 11.19 -16.69
CA ASN A 525 5.75 11.30 -16.96
C ASN A 525 4.93 11.46 -15.68
N CYS A 526 5.27 10.72 -14.63
CA CYS A 526 4.57 10.86 -13.36
C CYS A 526 4.62 12.29 -12.88
N PHE A 527 5.83 12.89 -12.87
CA PHE A 527 5.98 14.25 -12.32
C PHE A 527 5.29 15.26 -13.22
N ASP A 528 5.41 15.08 -14.52
CA ASP A 528 4.70 15.92 -15.51
C ASP A 528 3.18 15.86 -15.34
N ASP A 529 2.65 14.64 -15.20
CA ASP A 529 1.22 14.44 -14.98
C ASP A 529 0.72 15.20 -13.74
N PHE A 530 1.45 15.04 -12.62
CA PHE A 530 1.05 15.63 -11.35
C PHE A 530 1.15 17.19 -11.36
N GLN A 531 2.20 17.73 -11.98
CA GLN A 531 2.34 19.16 -12.18
C GLN A 531 1.20 19.71 -13.04
N CYS A 532 0.85 18.99 -14.10
CA CYS A 532 -0.31 19.32 -14.91
C CYS A 532 -1.64 19.29 -14.15
N ALA A 533 -1.78 18.37 -13.20
CA ALA A 533 -2.96 18.34 -12.35
C ALA A 533 -3.07 19.62 -11.53
N ALA A 534 -1.96 20.03 -10.93
CA ALA A 534 -1.93 21.30 -10.15
C ALA A 534 -2.27 22.51 -11.04
N GLU A 535 -1.65 22.58 -12.21
CA GLU A 535 -1.96 23.64 -13.19
C GLU A 535 -3.45 23.67 -13.60
N TYR A 536 -4.05 22.49 -13.74
CA TYR A 536 -5.47 22.40 -14.08
C TYR A 536 -6.32 22.99 -12.94
N LEU A 537 -6.06 22.54 -11.72
CA LEU A 537 -6.76 23.09 -10.56
C LEU A 537 -6.67 24.63 -10.46
N ILE A 538 -5.48 25.18 -10.77
CA ILE A 538 -5.25 26.62 -10.73
C ILE A 538 -6.01 27.31 -11.89
N LYS A 539 -5.83 26.78 -13.10
CA LYS A 539 -6.41 27.41 -14.30
C LYS A 539 -7.93 27.44 -14.23
N GLU A 540 -8.51 26.38 -13.69
CA GLU A 540 -9.96 26.23 -13.61
C GLU A 540 -10.54 26.93 -12.39
N GLY A 541 -9.67 27.44 -11.52
CA GLY A 541 -10.12 28.32 -10.44
C GLY A 541 -10.50 27.60 -9.17
N TYR A 542 -10.05 26.34 -9.03
CA TYR A 542 -10.26 25.63 -7.77
C TYR A 542 -9.35 26.18 -6.66
N THR A 543 -8.20 26.72 -7.04
CA THR A 543 -7.20 27.08 -6.03
C THR A 543 -6.19 27.99 -6.69
N SER A 544 -5.16 28.37 -5.94
CA SER A 544 -4.03 29.11 -6.45
C SER A 544 -2.79 28.49 -5.84
N PRO A 545 -1.61 28.73 -6.47
CA PRO A 545 -0.38 28.09 -6.01
C PRO A 545 -0.15 28.31 -4.52
N LYS A 546 -0.38 29.53 -4.04
CA LYS A 546 -0.03 29.81 -2.65
C LYS A 546 -0.92 29.05 -1.67
N ARG A 547 -2.10 28.63 -2.12
CA ARG A 547 -3.01 27.87 -1.26
C ARG A 547 -3.07 26.38 -1.62
N LEU A 548 -2.13 25.91 -2.44
CA LEU A 548 -2.17 24.51 -2.86
C LEU A 548 -1.22 23.64 -2.07
N THR A 549 -1.75 22.57 -1.48
CA THR A 549 -0.92 21.57 -0.82
C THR A 549 -0.91 20.29 -1.67
N ILE A 550 0.28 19.70 -1.81
CA ILE A 550 0.40 18.37 -2.36
C ILE A 550 0.93 17.38 -1.30
N ASN A 551 0.44 16.16 -1.42
CA ASN A 551 0.70 15.07 -0.49
C ASN A 551 0.89 13.76 -1.27
N GLY A 552 1.80 12.93 -0.81
CA GLY A 552 1.89 11.55 -1.27
C GLY A 552 2.76 10.77 -0.29
N GLY A 553 2.67 9.45 -0.36
CA GLY A 553 3.45 8.61 0.58
C GLY A 553 4.19 7.52 -0.16
N SER A 554 5.42 7.21 0.32
CA SER A 554 6.25 6.13 -0.24
C SER A 554 6.69 6.57 -1.61
N ASN A 555 6.33 5.83 -2.67
CA ASN A 555 6.54 6.29 -4.04
C ASN A 555 5.83 7.65 -4.28
N GLY A 556 4.72 7.89 -3.57
CA GLY A 556 4.06 9.20 -3.59
C GLY A 556 4.84 10.30 -2.88
N GLY A 557 5.71 9.89 -1.95
CA GLY A 557 6.58 10.84 -1.22
C GLY A 557 7.67 11.31 -2.17
N LEU A 558 8.20 10.36 -2.97
CA LEU A 558 9.11 10.72 -4.09
C LEU A 558 8.39 11.71 -5.04
N LEU A 559 7.14 11.37 -5.41
CA LEU A 559 6.38 12.22 -6.32
C LEU A 559 6.36 13.69 -5.86
N VAL A 560 5.88 13.95 -4.64
CA VAL A 560 5.76 15.35 -4.15
C VAL A 560 7.11 16.05 -3.90
N ALA A 561 8.13 15.28 -3.47
CA ALA A 561 9.49 15.84 -3.24
C ALA A 561 10.10 16.31 -4.54
N THR A 562 9.95 15.47 -5.58
CA THR A 562 10.43 15.81 -6.89
C THR A 562 9.69 17.02 -7.44
N CYS A 563 8.37 17.05 -7.27
CA CYS A 563 7.58 18.21 -7.77
C CYS A 563 7.95 19.53 -7.08
N ALA A 564 8.32 19.45 -5.82
CA ALA A 564 8.84 20.60 -5.07
C ALA A 564 10.15 21.15 -5.66
N ASN A 565 11.09 20.28 -5.97
CA ASN A 565 12.33 20.64 -6.67
C ASN A 565 12.10 21.22 -8.04
N GLN A 566 11.22 20.58 -8.80
CA GLN A 566 11.03 20.90 -10.22
C GLN A 566 10.13 22.10 -10.44
N ARG A 567 9.06 22.21 -9.67
CA ARG A 567 8.18 23.37 -9.76
C ARG A 567 7.88 24.00 -8.39
N PRO A 568 8.90 24.58 -7.72
CA PRO A 568 8.65 25.15 -6.37
C PRO A 568 7.56 26.26 -6.40
N ASP A 569 7.42 26.92 -7.54
CA ASP A 569 6.47 28.02 -7.75
C ASP A 569 5.02 27.58 -7.85
N LEU A 570 4.78 26.27 -8.01
CA LEU A 570 3.44 25.78 -8.22
C LEU A 570 2.68 25.46 -6.91
N PHE A 571 3.42 25.27 -5.80
CA PHE A 571 2.85 24.75 -4.55
C PHE A 571 3.13 25.64 -3.36
N GLY A 572 2.16 25.78 -2.45
CA GLY A 572 2.40 26.51 -1.21
C GLY A 572 2.93 25.58 -0.13
N CYS A 573 2.54 24.31 -0.18
CA CYS A 573 2.84 23.38 0.91
C CYS A 573 2.99 21.97 0.36
N VAL A 574 4.00 21.25 0.85
CA VAL A 574 4.25 19.88 0.46
C VAL A 574 4.39 18.97 1.72
N ILE A 575 3.63 17.90 1.78
CA ILE A 575 3.80 16.92 2.84
C ILE A 575 4.17 15.56 2.21
N ALA A 576 5.39 15.12 2.45
CA ALA A 576 5.94 13.92 1.86
C ALA A 576 6.11 12.91 2.99
N GLN A 577 5.30 11.86 2.93
CA GLN A 577 5.28 10.82 3.96
C GLN A 577 6.13 9.65 3.48
N VAL A 578 7.00 9.18 4.37
CA VAL A 578 7.79 7.93 4.20
C VAL A 578 8.36 7.76 2.77
N GLY A 579 8.95 8.84 2.24
CA GLY A 579 9.26 8.92 0.82
C GLY A 579 10.61 8.37 0.42
N VAL A 580 10.69 7.84 -0.79
CA VAL A 580 11.98 7.39 -1.38
C VAL A 580 12.69 8.61 -1.96
N MET A 581 13.75 9.07 -1.29
CA MET A 581 14.39 10.35 -1.62
C MET A 581 15.76 10.20 -2.26
N ASP A 582 16.50 9.18 -1.84
CA ASP A 582 17.79 8.89 -2.43
C ASP A 582 17.61 7.84 -3.53
N MET A 583 17.41 8.29 -4.76
CA MET A 583 17.16 7.35 -5.87
C MET A 583 18.42 6.64 -6.36
N LEU A 584 19.58 7.04 -5.85
CA LEU A 584 20.82 6.39 -6.22
C LEU A 584 21.16 5.22 -5.33
N LYS A 585 20.59 5.19 -4.11
CA LYS A 585 20.98 4.18 -3.13
C LYS A 585 19.78 3.36 -2.63
N PHE A 586 18.55 3.68 -3.06
CA PHE A 586 17.36 3.01 -2.50
C PHE A 586 17.48 1.50 -2.51
N HIS A 587 18.14 0.96 -3.54
CA HIS A 587 18.20 -0.48 -3.77
C HIS A 587 19.12 -1.20 -2.79
N LYS A 588 19.94 -0.45 -2.06
CA LYS A 588 20.87 -1.10 -1.12
C LYS A 588 20.24 -1.58 0.20
N TYR A 589 19.03 -1.12 0.51
CA TYR A 589 18.47 -1.29 1.86
C TYR A 589 17.23 -2.14 1.87
N THR A 590 17.12 -2.95 2.93
CA THR A 590 15.98 -3.86 3.20
C THR A 590 15.40 -4.46 1.90
N ILE A 591 14.19 -4.04 1.53
CA ILE A 591 13.47 -4.64 0.35
C ILE A 591 13.56 -3.68 -0.87
N GLY A 592 14.35 -2.60 -0.76
CA GLY A 592 14.44 -1.58 -1.85
C GLY A 592 14.89 -2.16 -3.18
N HIS A 593 15.61 -3.28 -3.14
CA HIS A 593 16.04 -3.93 -4.36
C HIS A 593 14.86 -4.35 -5.24
N ALA A 594 13.70 -4.57 -4.62
CA ALA A 594 12.49 -4.99 -5.37
C ALA A 594 11.88 -3.87 -6.24
N TRP A 595 12.24 -2.61 -5.96
CA TRP A 595 11.65 -1.47 -6.70
C TRP A 595 12.36 -1.08 -7.98
N THR A 596 13.47 -1.74 -8.30
CA THR A 596 14.23 -1.43 -9.53
C THR A 596 13.40 -1.75 -10.79
N THR A 597 12.34 -2.56 -10.66
CA THR A 597 11.46 -2.81 -11.81
C THR A 597 10.66 -1.56 -12.20
N ASP A 598 10.42 -0.65 -11.25
CA ASP A 598 9.77 0.65 -11.55
C ASP A 598 10.82 1.74 -11.83
N TYR A 599 11.94 1.73 -11.11
CA TYR A 599 12.86 2.87 -11.15
C TYR A 599 14.12 2.68 -11.98
N GLY A 600 14.53 1.42 -12.17
CA GLY A 600 15.88 1.11 -12.63
C GLY A 600 16.82 1.08 -11.43
N CYS A 601 18.11 0.95 -11.70
CA CYS A 601 19.12 0.86 -10.65
C CYS A 601 20.36 1.65 -11.09
N SER A 602 20.92 2.44 -10.17
CA SER A 602 22.08 3.28 -10.45
C SER A 602 23.39 2.53 -10.80
N ASP A 603 23.42 1.21 -10.60
CA ASP A 603 24.56 0.38 -11.04
C ASP A 603 24.63 0.37 -12.53
N SER A 604 23.49 0.60 -13.17
CA SER A 604 23.42 0.69 -14.62
C SER A 604 23.62 2.15 -15.13
N LYS A 605 24.52 2.35 -16.10
CA LYS A 605 24.80 3.68 -16.66
C LYS A 605 23.54 4.31 -17.26
N GLN A 606 22.80 3.52 -18.03
CA GLN A 606 21.54 4.01 -18.60
C GLN A 606 20.51 4.48 -17.53
N HIS A 607 20.33 3.66 -16.51
CA HIS A 607 19.38 3.98 -15.43
C HIS A 607 19.83 5.16 -14.59
N PHE A 608 21.12 5.21 -14.28
CA PHE A 608 21.70 6.35 -13.57
C PHE A 608 21.32 7.65 -14.25
N GLU A 609 21.40 7.66 -15.59
CA GLU A 609 21.08 8.89 -16.33
C GLU A 609 19.63 9.34 -16.18
N TRP A 610 18.70 8.39 -16.02
CA TRP A 610 17.31 8.73 -15.72
C TRP A 610 17.19 9.26 -14.29
N LEU A 611 17.79 8.50 -13.38
CA LEU A 611 17.57 8.67 -11.94
C LEU A 611 18.14 9.99 -11.44
N ILE A 612 19.32 10.35 -11.95
CA ILE A 612 20.04 11.54 -11.46
C ILE A 612 19.23 12.81 -11.76
N LYS A 613 18.40 12.74 -12.81
CA LYS A 613 17.63 13.88 -13.25
C LYS A 613 16.48 14.23 -12.31
N TYR A 614 15.96 13.25 -11.57
CA TYR A 614 14.82 13.53 -10.71
C TYR A 614 14.97 13.14 -9.23
N SER A 615 16.02 12.39 -8.89
CA SER A 615 16.26 12.03 -7.48
C SER A 615 16.11 13.23 -6.56
N PRO A 616 15.15 13.19 -5.62
CA PRO A 616 14.97 14.43 -4.80
C PRO A 616 16.25 14.89 -4.07
N LEU A 617 16.98 13.94 -3.50
CA LEU A 617 18.20 14.22 -2.76
C LEU A 617 19.24 14.93 -3.63
N HIS A 618 19.22 14.64 -4.92
CA HIS A 618 20.22 15.18 -5.83
C HIS A 618 19.75 16.36 -6.67
N ASN A 619 18.56 16.88 -6.37
CA ASN A 619 18.02 18.00 -7.16
C ASN A 619 17.49 19.18 -6.36
N VAL A 620 17.96 19.30 -5.11
CA VAL A 620 17.72 20.48 -4.30
C VAL A 620 18.54 21.66 -4.81
N LYS A 621 17.86 22.72 -5.19
CA LYS A 621 18.50 23.82 -5.87
C LYS A 621 17.72 25.08 -5.63
N LEU A 622 18.41 26.14 -5.20
CA LEU A 622 17.76 27.44 -5.03
C LEU A 622 17.04 27.86 -6.30
N PRO A 623 15.78 28.31 -6.19
CA PRO A 623 15.14 28.76 -7.42
C PRO A 623 15.85 30.03 -7.92
N GLU A 624 15.96 30.15 -9.24
CA GLU A 624 16.68 31.27 -9.84
C GLU A 624 16.06 32.64 -9.54
N ALA A 625 14.75 32.74 -9.70
CA ALA A 625 14.09 34.04 -9.55
C ALA A 625 14.07 34.47 -8.09
N ASP A 626 14.45 35.73 -7.84
CA ASP A 626 14.36 36.33 -6.50
C ASP A 626 12.98 36.20 -5.83
N ASP A 627 11.92 36.22 -6.62
CA ASP A 627 10.55 36.14 -6.07
C ASP A 627 10.07 34.69 -5.81
N ILE A 628 10.92 33.71 -6.11
CA ILE A 628 10.54 32.31 -5.93
C ILE A 628 11.38 31.62 -4.82
N GLN A 629 10.68 31.03 -3.85
CA GLN A 629 11.32 30.21 -2.80
C GLN A 629 10.76 28.79 -2.83
N TYR A 630 11.27 27.88 -2.01
CA TYR A 630 10.64 26.58 -1.88
C TYR A 630 9.31 26.72 -1.11
N PRO A 631 8.33 25.84 -1.44
CA PRO A 631 7.13 25.73 -0.63
C PRO A 631 7.51 25.31 0.80
N SER A 632 6.60 25.53 1.74
CA SER A 632 6.75 24.95 3.09
C SER A 632 6.74 23.46 2.91
N MET A 633 7.64 22.75 3.58
CA MET A 633 7.71 21.29 3.41
C MET A 633 7.73 20.57 4.75
N LEU A 634 6.99 19.47 4.82
CA LEU A 634 7.02 18.59 6.00
C LEU A 634 7.26 17.17 5.52
N LEU A 635 8.32 16.56 6.06
CA LEU A 635 8.57 15.14 5.81
C LEU A 635 8.15 14.40 7.07
N LEU A 636 7.41 13.33 6.88
CA LEU A 636 7.04 12.44 7.96
C LEU A 636 7.68 11.08 7.78
N THR A 637 8.37 10.62 8.81
CA THR A 637 8.89 9.26 8.75
C THR A 637 8.86 8.70 10.15
N ALA A 638 9.39 7.49 10.32
CA ALA A 638 9.39 6.84 11.61
C ALA A 638 10.57 5.85 11.73
N ASP A 639 11.00 5.64 12.97
CA ASP A 639 12.22 4.90 13.24
C ASP A 639 12.17 3.38 12.98
N HIS A 640 10.97 2.82 12.84
CA HIS A 640 10.89 1.41 12.45
C HIS A 640 10.30 1.29 11.04
N ASP A 641 10.42 2.35 10.23
CA ASP A 641 10.04 2.20 8.84
C ASP A 641 11.13 1.46 8.09
N ASP A 642 11.01 0.12 8.09
CA ASP A 642 11.92 -0.72 7.34
C ASP A 642 11.46 -1.01 5.91
N ARG A 643 10.30 -0.47 5.50
CA ARG A 643 9.92 -0.50 4.06
C ARG A 643 10.76 0.51 3.26
N VAL A 644 10.67 1.79 3.65
CA VAL A 644 11.50 2.86 3.10
C VAL A 644 12.32 3.40 4.29
N VAL A 645 13.56 2.92 4.40
CA VAL A 645 14.41 3.25 5.54
C VAL A 645 14.49 4.76 5.76
N PRO A 646 14.39 5.21 7.03
CA PRO A 646 14.22 6.66 7.26
C PRO A 646 15.40 7.56 6.83
N LEU A 647 16.59 7.00 6.64
CA LEU A 647 17.74 7.72 6.10
C LEU A 647 17.34 8.55 4.84
N HIS A 648 16.36 8.06 4.07
CA HIS A 648 15.89 8.78 2.91
C HIS A 648 15.46 10.20 3.31
N SER A 649 14.56 10.29 4.29
CA SER A 649 14.01 11.57 4.71
C SER A 649 15.07 12.36 5.49
N LEU A 650 15.90 11.64 6.27
CA LEU A 650 16.94 12.32 7.09
C LEU A 650 17.91 13.05 6.18
N LYS A 651 18.43 12.35 5.19
CA LYS A 651 19.37 13.01 4.26
C LYS A 651 18.71 14.14 3.47
N PHE A 652 17.50 13.88 2.97
CA PHE A 652 16.75 14.88 2.22
C PHE A 652 16.53 16.17 3.05
N ILE A 653 16.11 16.07 4.31
CA ILE A 653 15.81 17.30 5.08
C ILE A 653 17.10 18.05 5.43
N ALA A 654 18.20 17.30 5.59
CA ALA A 654 19.48 17.94 5.88
C ALA A 654 19.90 18.78 4.69
N THR A 655 19.68 18.23 3.50
CA THR A 655 20.00 18.91 2.25
C THR A 655 19.13 20.18 2.01
N LEU A 656 17.81 20.03 2.16
CA LEU A 656 16.86 21.13 2.08
C LEU A 656 17.26 22.29 3.02
N GLN A 657 17.52 21.95 4.28
CA GLN A 657 17.86 22.97 5.29
C GLN A 657 19.20 23.64 5.01
N TYR A 658 20.17 22.90 4.49
CA TYR A 658 21.44 23.51 4.17
C TYR A 658 21.40 24.37 2.86
N ILE A 659 20.94 23.78 1.76
CA ILE A 659 20.95 24.48 0.45
C ILE A 659 19.88 25.59 0.40
N VAL A 660 18.67 25.29 0.87
CA VAL A 660 17.54 26.20 0.68
C VAL A 660 17.25 26.94 1.98
N GLY A 661 17.17 26.20 3.10
CA GLY A 661 16.85 26.78 4.39
C GLY A 661 17.80 27.90 4.83
N ARG A 662 19.04 27.88 4.36
CA ARG A 662 19.98 28.93 4.73
C ARG A 662 19.89 30.20 3.89
N SER A 663 19.17 30.19 2.76
CA SER A 663 19.03 31.39 1.95
C SER A 663 18.12 32.37 2.66
N ARG A 664 18.47 33.66 2.56
CA ARG A 664 17.70 34.78 3.10
C ARG A 664 16.26 34.80 2.63
N LYS A 665 16.03 34.46 1.35
CA LYS A 665 14.70 34.55 0.75
C LYS A 665 13.79 33.40 1.15
N GLN A 666 14.36 32.35 1.76
CA GLN A 666 13.54 31.23 2.25
C GLN A 666 12.94 31.53 3.62
N ASN A 667 11.63 31.82 3.63
CA ASN A 667 10.87 32.00 4.86
C ASN A 667 9.88 30.87 5.18
N ASN A 668 9.57 30.05 4.18
CA ASN A 668 8.75 28.85 4.39
C ASN A 668 9.59 27.76 5.09
N PRO A 669 9.03 27.12 6.13
CA PRO A 669 9.76 26.12 6.91
C PRO A 669 9.95 24.81 6.13
N LEU A 670 11.07 24.13 6.43
CA LEU A 670 11.43 22.85 5.85
C LEU A 670 11.74 21.96 7.05
N LEU A 671 10.80 21.06 7.35
CA LEU A 671 10.77 20.32 8.63
C LEU A 671 10.63 18.82 8.45
N ILE A 672 11.09 18.06 9.42
CA ILE A 672 10.88 16.63 9.42
C ILE A 672 10.33 16.28 10.79
N HIS A 673 9.43 15.30 10.83
CA HIS A 673 9.07 14.68 12.08
C HIS A 673 9.38 13.19 11.96
N VAL A 674 10.06 12.64 12.96
CA VAL A 674 10.38 11.21 12.99
C VAL A 674 9.66 10.62 14.19
N ASP A 675 8.65 9.79 13.93
CA ASP A 675 7.88 9.16 15.01
C ASP A 675 8.65 7.94 15.59
N THR A 676 8.27 7.52 16.79
CA THR A 676 8.86 6.34 17.44
C THR A 676 7.82 5.19 17.51
N LYS A 677 8.33 3.95 17.55
CA LYS A 677 7.48 2.75 17.57
C LYS A 677 6.44 2.73 16.44
N ALA A 678 6.81 3.28 15.28
CA ALA A 678 5.94 3.31 14.11
C ALA A 678 6.80 2.97 12.91
N GLY A 679 6.15 2.59 11.83
CA GLY A 679 6.86 2.13 10.63
C GLY A 679 6.28 2.77 9.40
N HIS A 680 6.12 1.98 8.33
CA HIS A 680 5.82 2.56 7.03
C HIS A 680 4.38 3.09 6.99
N GLY A 681 3.55 2.47 7.82
CA GLY A 681 2.16 2.90 7.99
C GLY A 681 1.22 1.74 8.26
N ALA A 682 1.50 0.56 7.72
CA ALA A 682 0.59 -0.60 7.88
C ALA A 682 0.48 -0.97 9.38
N GLY A 683 -0.74 -1.18 9.89
CA GLY A 683 -0.91 -1.56 11.29
C GLY A 683 -0.73 -0.42 12.30
N LYS A 684 -0.69 0.82 11.81
CA LYS A 684 -0.55 1.98 12.69
C LYS A 684 -1.77 2.11 13.60
N PRO A 685 -1.57 2.23 14.92
CA PRO A 685 -2.73 2.29 15.82
C PRO A 685 -3.54 3.59 15.60
N THR A 686 -4.84 3.52 15.87
CA THR A 686 -5.72 4.69 15.75
C THR A 686 -5.11 5.96 16.41
N ALA A 687 -4.54 5.83 17.61
CA ALA A 687 -4.05 7.03 18.29
C ALA A 687 -2.97 7.72 17.47
N LYS A 688 -2.06 6.94 16.89
CA LYS A 688 -1.02 7.50 16.02
C LYS A 688 -1.59 8.09 14.72
N VAL A 689 -2.58 7.41 14.15
CA VAL A 689 -3.21 7.92 12.93
C VAL A 689 -3.82 9.31 13.20
N ILE A 690 -4.42 9.48 14.37
CA ILE A 690 -5.06 10.75 14.70
C ILE A 690 -4.02 11.85 14.90
N GLU A 691 -2.96 11.53 15.66
CA GLU A 691 -1.84 12.48 15.87
C GLU A 691 -1.24 12.89 14.50
N GLU A 692 -1.07 11.92 13.62
CA GLU A 692 -0.48 12.19 12.29
C GLU A 692 -1.29 13.14 11.41
N VAL A 693 -2.59 12.91 11.27
CA VAL A 693 -3.41 13.81 10.44
C VAL A 693 -3.53 15.17 11.13
N SER A 694 -3.54 15.18 12.46
CA SER A 694 -3.53 16.44 13.18
C SER A 694 -2.25 17.22 12.88
N ASP A 695 -1.09 16.55 12.92
CA ASP A 695 0.17 17.19 12.48
C ASP A 695 0.08 17.75 11.07
N MET A 696 -0.38 16.94 10.12
CA MET A 696 -0.44 17.35 8.69
C MET A 696 -1.29 18.59 8.44
N PHE A 697 -2.51 18.59 8.98
CA PHE A 697 -3.42 19.69 8.70
C PHE A 697 -3.15 20.96 9.52
N ALA A 698 -2.53 20.77 10.70
CA ALA A 698 -2.01 21.91 11.46
C ALA A 698 -0.87 22.56 10.69
N PHE A 699 0.00 21.74 10.11
CA PHE A 699 1.08 22.27 9.26
C PHE A 699 0.54 23.13 8.10
N ILE A 700 -0.42 22.58 7.37
CA ILE A 700 -1.09 23.26 6.29
C ILE A 700 -1.72 24.56 6.80
N ALA A 701 -2.55 24.47 7.84
CA ALA A 701 -3.25 25.64 8.41
C ALA A 701 -2.28 26.77 8.80
N ARG A 702 -1.15 26.40 9.40
CA ARG A 702 -0.22 27.41 9.85
C ARG A 702 0.55 28.03 8.66
N CYS A 703 1.05 27.20 7.75
CA CYS A 703 1.83 27.71 6.61
C CYS A 703 0.98 28.57 5.67
N LEU A 704 -0.28 28.19 5.45
CA LEU A 704 -1.17 28.97 4.58
C LEU A 704 -2.08 29.96 5.34
N ASN A 705 -1.98 30.01 6.68
CA ASN A 705 -2.77 30.94 7.50
C ASN A 705 -4.26 30.73 7.22
N ILE A 706 -4.70 29.49 7.35
CA ILE A 706 -6.11 29.17 7.14
C ILE A 706 -6.87 29.22 8.47
N ASP A 707 -8.03 29.90 8.47
CA ASP A 707 -8.93 29.95 9.62
C ASP A 707 -9.71 28.66 9.77
N TRP A 708 -9.82 28.16 10.99
CA TRP A 708 -10.78 27.08 11.30
C TRP A 708 -12.23 27.48 11.01
N ILE A 709 -13.01 26.61 10.39
CA ILE A 709 -14.44 26.91 10.28
C ILE A 709 -15.25 25.93 11.14
N PRO A 710 -15.83 26.43 12.24
CA PRO A 710 -16.48 25.52 13.19
C PRO A 710 -17.67 24.78 12.59
C10 2P4 B . 6.51 -0.45 -1.89
O11 2P4 B . 6.20 -0.75 -0.72
C12 2P4 B . 6.32 -1.43 -3.00
C13 2P4 B . 5.04 -1.05 -3.73
C14 2P4 B . 4.15 -2.30 -3.80
C15 2P4 B . 4.86 -3.30 -2.90
C16 2P4 B . 6.04 -2.83 -2.51
C1 2P4 B . 5.95 2.71 -1.23
O2 2P4 B . 5.68 3.34 -2.48
C3 2P4 B . 4.64 2.01 -0.81
O4 2P4 B . 4.82 1.30 0.42
C5 2P4 B . 7.22 1.84 -1.35
C6 2P4 B . 8.40 2.60 -1.97
C7 2P4 B . 8.43 2.22 -3.45
C8 2P4 B . 7.41 1.10 -3.66
N9 2P4 B . 7.01 0.75 -2.29
C17 2P4 B . 7.02 -3.61 -1.74
O18 2P4 B . 8.17 -3.19 -1.66
N19 2P4 B . 6.62 -4.75 -1.15
C20 2P4 B . 7.45 -5.70 -0.42
C21 2P4 B . 7.59 -6.83 -1.40
C22 2P4 B . 8.32 -6.68 -2.59
C23 2P4 B . 8.40 -7.74 -3.50
C24 2P4 B . 7.76 -8.96 -3.26
C25 2P4 B . 7.01 -9.11 -2.10
C26 2P4 B . 6.93 -8.05 -1.17
C1 GOL C . 7.63 13.35 -22.90
O1 GOL C . 6.48 14.08 -22.43
C2 GOL C . 7.25 12.01 -23.51
O2 GOL C . 6.21 11.33 -22.76
C3 GOL C . 6.75 12.29 -24.92
O3 GOL C . 6.07 11.12 -25.29
C1 GOL D . 14.28 -25.94 -7.95
O1 GOL D . 15.11 -25.58 -9.02
C2 GOL D . 14.87 -25.37 -6.67
O2 GOL D . 14.90 -23.96 -6.74
C3 GOL D . 13.92 -25.74 -5.53
O3 GOL D . 14.51 -25.31 -4.31
C1 GOL E . 7.16 30.25 -4.67
O1 GOL E . 7.75 31.30 -3.91
C2 GOL E . 6.04 29.61 -3.84
O2 GOL E . 5.08 28.98 -4.68
C3 GOL E . 6.61 28.56 -2.90
O3 GOL E . 5.59 28.22 -1.96
C1 GOL F . -3.87 -16.76 -5.83
O1 GOL F . -3.29 -15.45 -5.88
C2 GOL F . -5.38 -16.60 -5.71
O2 GOL F . -5.94 -15.88 -6.78
C3 GOL F . -6.24 -17.55 -4.85
O3 GOL F . -7.62 -17.21 -4.98
C1 GOL G . 19.64 -13.05 4.36
O1 GOL G . 21.00 -13.36 4.51
C2 GOL G . 19.42 -11.60 4.77
O2 GOL G . 19.58 -10.82 3.59
C3 GOL G . 18.01 -11.47 5.36
O3 GOL G . 17.67 -10.15 5.74
#